data_9KGK
#
_entry.id   9KGK
#
_cell.length_a   1.00
_cell.length_b   1.00
_cell.length_c   1.00
_cell.angle_alpha   90.00
_cell.angle_beta   90.00
_cell.angle_gamma   90.00
#
_symmetry.space_group_name_H-M   'P 1'
#
loop_
_entity.id
_entity.type
_entity.pdbx_description
1 polymer 'Leucine-rich repeat-containing G-protein coupled receptor 4'
2 polymer MB52
3 polymer NB18
#
loop_
_entity_poly.entity_id
_entity_poly.type
_entity_poly.pdbx_seq_one_letter_code
_entity_poly.pdbx_strand_id
1 'polypeptide(L)'
;MPGPLGLLCFLALGLLGSAGPSGAAPPLCAAPCSCDGDRRVDCSGKGLTAVPEGLSAFTQALDISMNNITQLPEDAFKNF
PFLEELQLAGNDLSFIHPKALSGLKELKVLTLQNNQLKTVPSEAIRGLSALQSLRLDANHITSVPEDSFEGLVQLRHLWL
DDNSLTEVPVHPLSNLPTLQALTLALNKISSIPDFAFTNLSSLVVLHLHNNKIRSLSQHCFDGLDNLETLDLNYNNLGEF
PQAIKALPSLKELGFHSNSISVIPDGAFDGNPLLRTIHLYDNPLSFVGNSAFHNLSDLHSLVIRGASMVQQFPNLTGTVH
LESLTLTGTKISSIPNNLCQEQKMLRTLDLSYNNIRDLPSFNGCHALEEISLQRNQIYQIKEGTFQGLISLRILDLSRNL
IHEIHSRAFATLGPITNLDVSFNELTSFPTEGLNGLNQLKLVGNFKLKEALAAKDFVNLRSLSVPYAYQCCAFWGCDSYA
NLNTEDNSLQDHSVAQEKGTADAANVTSTLENEEHSQIIIHCTPSTGAFKPCEYLLGSWMIRLTVWFIFLVALFFNLLVI
LTTFASCTSLPSSKLFIGLISVSNLFMGIYTGILTFLDAVSWGRFAEFGIWWETGSGCKVAGFLAVFSSESAIFLLMLAT
VERSLSAKDIMKNGKSNHLKQFRVAALLAFLGATVAGCFPLFHRGEYSASPLCLPFPTGETPSLGFTVTLVLLNSLAFLL
MAVIYTKLYCNLEKEDLSENSQSSMIKHVAWLIFTNCIFFCPVAFFSFAPLITAISISPEIMKSVTLIFFPLPACLNPVL
YVFFNPKFKEDWKLLKRRVTKKSGSVSVSISSQGGCLEQDFYYDCGMYSHLQGNLTVCDCCESFLLTKPVSCKHLIKSHS
CPALAVASCQRPEGYWSDCGTQSAHSDYADEEDSFVSDSSDQVQACGRACFYQSRGFPLVRYAYNLPRVK
;
A
2 'polypeptide(L)'
;QVQLVESGGGLVNSKGEKLEAHVTTSKYGSLRLSCAASGYTYSPYCMGWFRQAPGKAREGVATVDLDGSTIYADSVKGRF
TISQDNAKNTLYLQMNSLKPEDTAMYYCASRTRAGVTCGLNWAIFSYWGQGTQVTVSSHHHHHHEPEA
;
E
3 'polypeptide(L)'
;MKYLLPTAAAGLLLLAAQPAMAQVQLQESGGGSVQAGGSLRLSCAASGYTYSRTCMAWFRQAPGKEREGIATINSDGTTT
YADSVKGRFTISRDNAKNTLSLQMNSLKPEDTAMYYCAAASLSTRGCSRAEWEYRYWGQGTQVTVSSAAAYPYDVPDYGS
HHHHHH
;
B
#
# COMPACT_ATOMS: atom_id res chain seq x y z
N CYS A 33 1.55 17.45 -47.39
CA CYS A 33 1.19 16.28 -46.61
C CYS A 33 1.88 15.01 -47.11
N SER A 34 2.33 14.19 -46.18
CA SER A 34 2.94 12.92 -46.53
C SER A 34 1.90 11.96 -47.09
N CYS A 35 2.24 11.29 -48.18
CA CYS A 35 1.35 10.35 -48.83
C CYS A 35 1.78 8.91 -48.50
N ASP A 36 1.11 7.94 -49.11
CA ASP A 36 1.45 6.54 -48.91
C ASP A 36 0.92 5.74 -50.09
N GLY A 37 1.59 4.63 -50.39
CA GLY A 37 1.23 3.82 -51.54
C GLY A 37 -0.03 2.99 -51.36
N ASP A 38 -0.41 2.72 -50.11
CA ASP A 38 -1.58 1.89 -49.82
C ASP A 38 -2.87 2.71 -49.72
N ARG A 39 -2.90 3.90 -50.32
CA ARG A 39 -4.07 4.78 -50.28
C ARG A 39 -4.45 5.12 -48.84
N ARG A 40 -3.44 5.37 -48.00
CA ARG A 40 -3.64 5.76 -46.61
C ARG A 40 -2.85 7.06 -46.38
N VAL A 41 -3.47 8.18 -46.67
CA VAL A 41 -2.81 9.48 -46.56
C VAL A 41 -2.76 9.88 -45.09
N ASP A 42 -1.59 10.32 -44.63
CA ASP A 42 -1.36 10.73 -43.26
C ASP A 42 -0.95 12.19 -43.24
N CYS A 43 -1.87 13.07 -42.83
CA CYS A 43 -1.61 14.50 -42.73
C CYS A 43 -1.57 14.98 -41.29
N SER A 44 -1.39 14.07 -40.34
CA SER A 44 -1.39 14.44 -38.93
C SER A 44 -0.20 15.34 -38.60
N GLY A 45 -0.47 16.40 -37.85
CA GLY A 45 0.58 17.30 -37.39
C GLY A 45 1.07 18.29 -38.41
N LYS A 46 0.50 18.33 -39.61
CA LYS A 46 0.98 19.23 -40.65
C LYS A 46 0.61 20.69 -40.39
N GLY A 47 -0.24 20.97 -39.40
CA GLY A 47 -0.64 22.33 -39.15
C GLY A 47 -1.70 22.88 -40.08
N LEU A 48 -2.38 22.01 -40.83
CA LEU A 48 -3.42 22.44 -41.74
C LEU A 48 -4.60 23.05 -40.99
N THR A 49 -5.28 23.99 -41.65
CA THR A 49 -6.49 24.59 -41.12
C THR A 49 -7.73 24.21 -41.92
N ALA A 50 -7.59 23.31 -42.89
CA ALA A 50 -8.70 22.88 -43.71
C ALA A 50 -8.37 21.51 -44.30
N VAL A 51 -9.33 20.94 -44.99
CA VAL A 51 -9.11 19.64 -45.65
C VAL A 51 -8.03 19.81 -46.70
N PRO A 52 -6.99 18.97 -46.72
CA PRO A 52 -5.89 19.16 -47.68
C PRO A 52 -6.38 19.04 -49.12
N GLU A 53 -5.79 19.87 -49.99
CA GLU A 53 -6.10 19.87 -51.41
C GLU A 53 -4.95 19.25 -52.19
N GLY A 54 -5.21 18.98 -53.46
CA GLY A 54 -4.19 18.38 -54.31
C GLY A 54 -3.95 16.91 -54.04
N LEU A 55 -4.82 16.27 -53.27
CA LEU A 55 -4.69 14.86 -52.96
C LEU A 55 -5.25 14.01 -54.10
N SER A 56 -4.97 12.72 -54.05
CA SER A 56 -5.46 11.81 -55.07
C SER A 56 -6.98 11.71 -55.00
N ALA A 57 -7.59 11.42 -56.16
CA ALA A 57 -9.04 11.46 -56.27
C ALA A 57 -9.71 10.44 -55.35
N PHE A 58 -9.16 9.23 -55.29
CA PHE A 58 -9.72 8.16 -54.48
C PHE A 58 -8.72 7.75 -53.41
N THR A 59 -9.17 7.76 -52.16
CA THR A 59 -8.37 7.33 -51.02
C THR A 59 -9.24 6.48 -50.12
N GLN A 60 -8.59 5.65 -49.29
CA GLN A 60 -9.31 4.82 -48.33
C GLN A 60 -9.16 5.28 -46.90
N ALA A 61 -8.05 5.95 -46.57
CA ALA A 61 -7.82 6.42 -45.20
C ALA A 61 -7.36 7.87 -45.23
N LEU A 62 -7.59 8.56 -44.12
CA LEU A 62 -7.18 9.95 -43.99
C LEU A 62 -6.89 10.20 -42.51
N ASP A 63 -5.72 10.77 -42.23
CA ASP A 63 -5.27 10.92 -40.84
C ASP A 63 -5.06 12.38 -40.48
N ILE A 64 -6.01 13.24 -40.84
CA ILE A 64 -5.93 14.66 -40.49
C ILE A 64 -6.36 14.85 -39.04
N SER A 65 -5.40 14.74 -38.11
CA SER A 65 -5.71 14.73 -36.68
C SER A 65 -5.14 15.94 -35.95
N MET A 66 -3.82 16.12 -35.96
CA MET A 66 -3.24 17.16 -35.13
C MET A 66 -3.27 18.52 -35.80
N ASN A 67 -3.59 18.58 -37.09
CA ASN A 67 -3.71 19.84 -37.79
C ASN A 67 -4.95 20.59 -37.31
N ASN A 68 -4.75 21.80 -36.80
CA ASN A 68 -5.83 22.56 -36.17
C ASN A 68 -6.87 22.96 -37.20
N ILE A 69 -8.01 22.28 -37.19
CA ILE A 69 -9.14 22.59 -38.07
C ILE A 69 -10.28 23.10 -37.20
N THR A 70 -10.64 24.36 -37.38
CA THR A 70 -11.73 24.94 -36.58
C THR A 70 -13.08 24.45 -37.04
N GLN A 71 -13.31 24.39 -38.36
CA GLN A 71 -14.62 24.03 -38.88
C GLN A 71 -14.46 23.30 -40.21
N LEU A 72 -15.49 22.55 -40.57
CA LEU A 72 -15.54 21.87 -41.85
C LEU A 72 -16.58 22.53 -42.75
N PRO A 73 -16.18 23.20 -43.83
CA PRO A 73 -17.16 23.83 -44.72
C PRO A 73 -17.98 22.80 -45.46
N GLU A 74 -19.02 23.29 -46.14
CA GLU A 74 -19.91 22.42 -46.88
C GLU A 74 -19.16 21.69 -47.99
N ASP A 75 -19.39 20.38 -48.09
CA ASP A 75 -18.78 19.53 -49.12
C ASP A 75 -17.26 19.65 -49.12
N ALA A 76 -16.67 19.65 -47.91
CA ALA A 76 -15.22 19.63 -47.80
C ALA A 76 -14.63 18.28 -48.15
N PHE A 77 -15.45 17.23 -48.23
CA PHE A 77 -15.01 15.89 -48.57
C PHE A 77 -15.57 15.41 -49.91
N LYS A 78 -16.07 16.33 -50.72
CA LYS A 78 -16.59 15.95 -52.04
C LYS A 78 -15.49 15.43 -52.96
N ASN A 79 -14.24 15.81 -52.72
CA ASN A 79 -13.14 15.31 -53.53
C ASN A 79 -12.82 13.85 -53.24
N PHE A 80 -13.25 13.33 -52.10
CA PHE A 80 -12.97 11.94 -51.72
C PHE A 80 -14.27 11.16 -51.71
N PRO A 81 -14.60 10.40 -52.75
CA PRO A 81 -15.82 9.59 -52.77
C PRO A 81 -15.67 8.15 -52.31
N PHE A 82 -14.45 7.69 -52.01
CA PHE A 82 -14.22 6.31 -51.59
C PHE A 82 -13.53 6.23 -50.24
N LEU A 83 -13.51 7.32 -49.48
CA LEU A 83 -12.89 7.32 -48.17
C LEU A 83 -13.66 6.41 -47.22
N GLU A 84 -12.94 5.58 -46.47
CA GLU A 84 -13.57 4.66 -45.53
C GLU A 84 -13.05 4.77 -44.11
N GLU A 85 -12.01 5.57 -43.87
CA GLU A 85 -11.49 5.78 -42.51
C GLU A 85 -11.12 7.25 -42.37
N LEU A 86 -11.92 7.99 -41.61
CA LEU A 86 -11.70 9.41 -41.38
C LEU A 86 -11.36 9.62 -39.91
N GLN A 87 -10.20 10.22 -39.66
CA GLN A 87 -9.70 10.44 -38.30
C GLN A 87 -9.52 11.94 -38.09
N LEU A 88 -10.50 12.56 -37.45
CA LEU A 88 -10.47 13.99 -37.16
C LEU A 88 -10.26 14.27 -35.67
N ALA A 89 -9.57 13.38 -34.98
CA ALA A 89 -9.29 13.58 -33.57
C ALA A 89 -8.31 14.73 -33.37
N GLY A 90 -8.04 15.05 -32.12
CA GLY A 90 -6.99 16.00 -31.80
C GLY A 90 -7.35 17.47 -31.97
N ASN A 91 -7.63 17.87 -33.21
CA ASN A 91 -7.84 19.28 -33.50
C ASN A 91 -9.12 19.80 -32.85
N ASP A 92 -9.14 21.11 -32.59
CA ASP A 92 -10.26 21.74 -31.89
C ASP A 92 -11.37 22.09 -32.88
N LEU A 93 -12.02 21.05 -33.39
CA LEU A 93 -13.12 21.20 -34.33
C LEU A 93 -14.37 21.65 -33.56
N SER A 94 -15.02 22.70 -34.04
CA SER A 94 -16.19 23.25 -33.38
C SER A 94 -17.45 23.22 -34.23
N PHE A 95 -17.32 23.17 -35.55
CA PHE A 95 -18.48 23.23 -36.44
C PHE A 95 -18.28 22.29 -37.62
N ILE A 96 -19.31 21.50 -37.91
CA ILE A 96 -19.34 20.63 -39.08
C ILE A 96 -20.60 20.97 -39.86
N HIS A 97 -20.43 21.38 -41.11
CA HIS A 97 -21.57 21.72 -41.94
C HIS A 97 -22.41 20.47 -42.17
N PRO A 98 -23.75 20.60 -42.21
CA PRO A 98 -24.58 19.40 -42.39
C PRO A 98 -24.30 18.64 -43.67
N LYS A 99 -23.80 19.31 -44.71
CA LYS A 99 -23.45 18.66 -45.96
C LYS A 99 -21.97 18.37 -46.09
N ALA A 100 -21.20 18.58 -45.02
CA ALA A 100 -19.75 18.35 -45.09
C ALA A 100 -19.43 16.88 -45.34
N LEU A 101 -20.14 15.98 -44.67
CA LEU A 101 -19.90 14.54 -44.81
C LEU A 101 -20.79 13.90 -45.87
N SER A 102 -21.50 14.69 -46.66
CA SER A 102 -22.35 14.14 -47.69
C SER A 102 -21.51 13.49 -48.79
N GLY A 103 -22.05 12.41 -49.36
CA GLY A 103 -21.37 11.67 -50.39
C GLY A 103 -20.43 10.60 -49.88
N LEU A 104 -20.27 10.46 -48.57
CA LEU A 104 -19.39 9.45 -47.99
C LEU A 104 -20.21 8.22 -47.60
N LYS A 105 -20.61 7.48 -48.64
CA LYS A 105 -21.40 6.27 -48.47
C LYS A 105 -20.55 5.03 -48.28
N GLU A 106 -19.21 5.17 -48.27
CA GLU A 106 -18.32 4.05 -48.04
C GLU A 106 -17.49 4.21 -46.78
N LEU A 107 -17.78 5.21 -45.95
CA LEU A 107 -17.03 5.40 -44.72
C LEU A 107 -17.31 4.25 -43.76
N LYS A 108 -16.25 3.77 -43.11
CA LYS A 108 -16.35 2.71 -42.12
C LYS A 108 -16.03 3.17 -40.71
N VAL A 109 -14.99 3.98 -40.55
CA VAL A 109 -14.55 4.46 -39.24
C VAL A 109 -14.51 5.98 -39.28
N LEU A 110 -15.06 6.59 -38.22
CA LEU A 110 -15.04 8.05 -38.09
C LEU A 110 -14.69 8.37 -36.64
N THR A 111 -13.52 8.97 -36.42
CA THR A 111 -13.02 9.21 -35.07
C THR A 111 -12.94 10.71 -34.81
N LEU A 112 -13.98 11.26 -34.18
CA LEU A 112 -13.97 12.64 -33.70
C LEU A 112 -13.69 12.66 -32.20
N GLN A 113 -12.44 12.41 -31.84
CA GLN A 113 -12.13 12.19 -30.42
C GLN A 113 -11.95 13.48 -29.65
N ASN A 114 -10.86 14.21 -29.93
CA ASN A 114 -10.49 15.39 -29.14
C ASN A 114 -10.84 16.66 -29.90
N ASN A 115 -12.13 16.99 -29.90
CA ASN A 115 -12.62 18.18 -30.55
C ASN A 115 -13.47 18.96 -29.54
N GLN A 116 -13.97 20.11 -29.97
CA GLN A 116 -14.84 20.87 -29.07
C GLN A 116 -16.25 20.31 -29.07
N LEU A 117 -16.94 20.40 -30.22
CA LEU A 117 -18.19 19.68 -30.48
C LEU A 117 -19.13 19.66 -29.29
N LYS A 118 -19.61 20.82 -28.85
CA LYS A 118 -20.41 20.88 -27.63
C LYS A 118 -21.64 19.98 -27.70
N THR A 119 -22.11 19.67 -28.90
CA THR A 119 -23.26 18.80 -29.08
C THR A 119 -22.93 17.75 -30.14
N VAL A 120 -23.62 16.61 -30.06
CA VAL A 120 -23.47 15.54 -31.05
C VAL A 120 -24.03 16.04 -32.37
N PRO A 121 -23.26 16.01 -33.45
CA PRO A 121 -23.80 16.44 -34.75
C PRO A 121 -24.82 15.45 -35.29
N SER A 122 -26.10 15.80 -35.22
CA SER A 122 -27.14 14.88 -35.65
C SER A 122 -27.38 14.95 -37.15
N GLU A 123 -27.11 16.10 -37.77
CA GLU A 123 -27.32 16.26 -39.20
C GLU A 123 -26.09 15.88 -40.02
N ALA A 124 -24.90 16.18 -39.52
CA ALA A 124 -23.68 15.88 -40.27
C ALA A 124 -23.49 14.38 -40.43
N ILE A 125 -23.65 13.62 -39.34
CA ILE A 125 -23.45 12.17 -39.39
C ILE A 125 -24.62 11.44 -40.03
N ARG A 126 -25.76 12.12 -40.21
CA ARG A 126 -26.91 11.48 -40.83
C ARG A 126 -26.64 11.21 -42.30
N GLY A 127 -27.05 10.04 -42.76
CA GLY A 127 -26.80 9.60 -44.13
C GLY A 127 -25.60 8.70 -44.30
N LEU A 128 -24.72 8.63 -43.30
CA LEU A 128 -23.55 7.76 -43.35
C LEU A 128 -23.99 6.36 -42.93
N SER A 129 -24.61 5.66 -43.89
CA SER A 129 -25.20 4.36 -43.65
C SER A 129 -24.21 3.20 -43.74
N ALA A 130 -22.91 3.47 -43.61
CA ALA A 130 -21.90 2.43 -43.75
C ALA A 130 -20.91 2.34 -42.60
N LEU A 131 -20.75 3.39 -41.80
CA LEU A 131 -19.74 3.37 -40.76
C LEU A 131 -20.14 2.43 -39.62
N GLN A 132 -19.13 1.85 -38.99
CA GLN A 132 -19.34 0.89 -37.92
C GLN A 132 -18.78 1.31 -36.57
N SER A 133 -17.83 2.24 -36.53
CA SER A 133 -17.25 2.74 -35.29
C SER A 133 -17.37 4.25 -35.25
N LEU A 134 -17.92 4.79 -34.17
CA LEU A 134 -18.07 6.23 -33.99
C LEU A 134 -17.47 6.61 -32.64
N ARG A 135 -16.51 7.53 -32.67
CA ARG A 135 -15.82 8.00 -31.47
C ARG A 135 -16.17 9.47 -31.26
N LEU A 136 -16.79 9.78 -30.13
CA LEU A 136 -17.13 11.15 -29.78
C LEU A 136 -16.79 11.44 -28.32
N ASP A 137 -15.72 10.83 -27.82
CA ASP A 137 -15.47 10.81 -26.38
C ASP A 137 -14.93 12.13 -25.81
N ALA A 138 -13.76 12.57 -26.25
CA ALA A 138 -13.11 13.67 -25.56
C ALA A 138 -13.78 15.02 -25.80
N ASN A 139 -14.86 15.08 -26.57
CA ASN A 139 -15.58 16.32 -26.75
C ASN A 139 -16.26 16.74 -25.45
N HIS A 140 -16.67 18.01 -25.39
CA HIS A 140 -17.41 18.52 -24.25
C HIS A 140 -18.91 18.42 -24.54
N ILE A 141 -19.34 17.20 -24.81
CA ILE A 141 -20.74 16.94 -25.16
C ILE A 141 -21.61 17.19 -23.95
N THR A 142 -22.66 17.99 -24.13
CA THR A 142 -23.61 18.26 -23.06
C THR A 142 -25.04 17.88 -23.41
N SER A 143 -25.40 17.79 -24.69
CA SER A 143 -26.73 17.42 -25.10
C SER A 143 -26.66 16.51 -26.32
N VAL A 144 -27.66 15.64 -26.45
CA VAL A 144 -27.77 14.74 -27.58
C VAL A 144 -29.13 14.95 -28.24
N PRO A 145 -29.19 15.51 -29.45
CA PRO A 145 -30.48 15.73 -30.10
C PRO A 145 -31.22 14.41 -30.31
N GLU A 146 -32.55 14.49 -30.19
CA GLU A 146 -33.38 13.29 -30.30
C GLU A 146 -33.32 12.66 -31.69
N ASP A 147 -32.92 13.43 -32.71
CA ASP A 147 -32.84 12.91 -34.07
C ASP A 147 -31.47 12.33 -34.40
N SER A 148 -30.55 12.29 -33.45
CA SER A 148 -29.20 11.81 -33.72
C SER A 148 -29.19 10.30 -33.94
N PHE A 149 -28.10 9.83 -34.54
CA PHE A 149 -27.92 8.40 -34.83
C PHE A 149 -29.06 7.86 -35.69
N GLU A 150 -29.49 8.65 -36.66
CA GLU A 150 -30.58 8.29 -37.56
C GLU A 150 -30.05 8.02 -38.95
N GLY A 151 -30.53 6.93 -39.55
CA GLY A 151 -30.17 6.58 -40.90
C GLY A 151 -28.95 5.70 -41.03
N LEU A 152 -28.22 5.45 -39.96
CA LEU A 152 -27.06 4.57 -39.95
C LEU A 152 -27.40 3.31 -39.18
N VAL A 153 -27.19 2.15 -39.81
CA VAL A 153 -27.66 0.88 -39.27
C VAL A 153 -26.53 -0.13 -39.03
N GLN A 154 -25.32 0.13 -39.51
CA GLN A 154 -24.22 -0.79 -39.36
C GLN A 154 -23.29 -0.42 -38.21
N LEU A 155 -23.69 0.52 -37.37
CA LEU A 155 -22.86 0.93 -36.24
C LEU A 155 -22.70 -0.22 -35.26
N ARG A 156 -21.46 -0.43 -34.78
CA ARG A 156 -21.18 -1.47 -33.82
C ARG A 156 -20.43 -0.99 -32.58
N HIS A 157 -19.66 0.09 -32.67
CA HIS A 157 -18.90 0.61 -31.54
C HIS A 157 -19.20 2.09 -31.38
N LEU A 158 -19.52 2.49 -30.15
CA LEU A 158 -19.88 3.88 -29.88
C LEU A 158 -19.18 4.38 -28.63
N TRP A 159 -18.48 5.51 -28.78
CA TRP A 159 -17.79 6.17 -27.68
C TRP A 159 -18.51 7.45 -27.31
N LEU A 160 -18.89 7.56 -26.04
CA LEU A 160 -19.46 8.79 -25.51
C LEU A 160 -18.95 9.07 -24.10
N ASP A 161 -17.78 8.54 -23.75
CA ASP A 161 -17.21 8.74 -22.44
C ASP A 161 -16.48 10.08 -22.37
N ASP A 162 -16.06 10.45 -21.17
CA ASP A 162 -15.30 11.68 -20.92
C ASP A 162 -16.05 12.91 -21.44
N ASN A 163 -17.37 12.86 -21.36
CA ASN A 163 -18.24 13.98 -21.70
C ASN A 163 -18.94 14.47 -20.44
N SER A 164 -19.87 15.39 -20.61
CA SER A 164 -20.74 15.85 -19.53
C SER A 164 -22.17 15.61 -19.96
N LEU A 165 -22.65 14.38 -19.77
CA LEU A 165 -24.01 13.99 -20.11
C LEU A 165 -24.77 13.73 -18.83
N THR A 166 -25.86 14.50 -18.61
CA THR A 166 -26.61 14.36 -17.38
C THR A 166 -27.50 13.12 -17.40
N GLU A 167 -28.03 12.75 -18.56
CA GLU A 167 -28.93 11.62 -18.67
C GLU A 167 -28.46 10.69 -19.79
N VAL A 168 -28.82 9.43 -19.67
CA VAL A 168 -28.52 8.44 -20.70
C VAL A 168 -29.45 8.68 -21.89
N PRO A 169 -28.93 8.88 -23.10
CA PRO A 169 -29.81 8.98 -24.27
C PRO A 169 -30.63 7.72 -24.44
N VAL A 170 -31.90 7.90 -24.80
CA VAL A 170 -32.82 6.76 -24.90
C VAL A 170 -33.25 6.57 -26.34
N HIS A 171 -33.85 7.59 -26.94
CA HIS A 171 -34.27 7.50 -28.33
C HIS A 171 -33.10 7.34 -29.29
N PRO A 172 -32.02 8.13 -29.22
CA PRO A 172 -30.90 7.91 -30.14
C PRO A 172 -30.29 6.52 -30.03
N LEU A 173 -30.20 5.98 -28.80
CA LEU A 173 -29.69 4.62 -28.65
C LEU A 173 -30.68 3.60 -29.19
N SER A 174 -31.98 3.86 -29.04
CA SER A 174 -33.00 3.00 -29.62
C SER A 174 -32.94 3.01 -31.14
N ASN A 175 -32.40 4.06 -31.74
CA ASN A 175 -32.22 4.09 -33.18
C ASN A 175 -31.13 3.15 -33.66
N LEU A 176 -30.35 2.57 -32.75
CA LEU A 176 -29.25 1.68 -33.11
C LEU A 176 -29.59 0.25 -32.78
N PRO A 177 -29.91 -0.60 -33.75
CA PRO A 177 -30.22 -2.00 -33.45
C PRO A 177 -29.03 -2.96 -33.50
N THR A 178 -27.89 -2.54 -34.07
CA THR A 178 -26.75 -3.41 -34.26
C THR A 178 -25.54 -3.00 -33.43
N LEU A 179 -25.74 -2.21 -32.38
CA LEU A 179 -24.63 -1.76 -31.56
C LEU A 179 -24.10 -2.90 -30.70
N GLN A 180 -22.80 -3.16 -30.78
CA GLN A 180 -22.17 -4.24 -30.06
C GLN A 180 -21.28 -3.77 -28.91
N ALA A 181 -20.95 -2.49 -28.85
CA ALA A 181 -20.13 -1.96 -27.76
C ALA A 181 -20.44 -0.48 -27.59
N LEU A 182 -20.68 -0.07 -26.35
CA LEU A 182 -21.05 1.30 -26.03
C LEU A 182 -20.34 1.72 -24.76
N THR A 183 -19.83 2.95 -24.73
CA THR A 183 -19.20 3.46 -23.50
C THR A 183 -19.74 4.84 -23.14
N LEU A 184 -20.67 4.86 -22.18
CA LEU A 184 -21.11 6.10 -21.53
C LEU A 184 -20.42 6.22 -20.17
N ALA A 185 -19.09 6.28 -20.19
CA ALA A 185 -18.33 6.04 -18.95
C ALA A 185 -18.23 7.28 -18.07
N LEU A 186 -17.51 8.30 -18.52
CA LEU A 186 -17.08 9.39 -17.64
C LEU A 186 -17.98 10.61 -17.74
N ASN A 187 -19.29 10.40 -17.97
CA ASN A 187 -20.23 11.50 -18.03
C ASN A 187 -20.71 11.86 -16.64
N LYS A 188 -21.64 12.80 -16.56
CA LYS A 188 -22.33 13.12 -15.30
C LYS A 188 -23.67 12.40 -15.20
N ILE A 189 -23.65 11.08 -15.32
CA ILE A 189 -24.89 10.30 -15.24
C ILE A 189 -25.26 10.14 -13.77
N SER A 190 -26.55 10.23 -13.47
CA SER A 190 -27.04 10.13 -12.10
C SER A 190 -27.94 8.93 -11.86
N SER A 191 -28.73 8.53 -12.84
CA SER A 191 -29.66 7.42 -12.67
C SER A 191 -29.90 6.77 -14.02
N ILE A 192 -30.32 5.51 -13.99
CA ILE A 192 -30.60 4.76 -15.21
C ILE A 192 -32.10 4.52 -15.28
N PRO A 193 -32.82 5.14 -16.23
CA PRO A 193 -34.25 4.88 -16.35
C PRO A 193 -34.52 3.47 -16.85
N ASP A 194 -35.70 2.96 -16.51
CA ASP A 194 -36.09 1.62 -16.94
C ASP A 194 -36.25 1.58 -18.46
N PHE A 195 -35.89 0.44 -19.04
CA PHE A 195 -35.97 0.21 -20.48
C PHE A 195 -35.12 1.23 -21.25
N ALA A 196 -33.96 1.57 -20.69
CA ALA A 196 -33.06 2.51 -21.35
C ALA A 196 -32.31 1.87 -22.52
N PHE A 197 -32.03 0.58 -22.44
CA PHE A 197 -31.29 -0.14 -23.47
C PHE A 197 -32.13 -1.28 -24.05
N THR A 198 -33.41 -1.00 -24.34
CA THR A 198 -34.30 -2.05 -24.82
C THR A 198 -33.93 -2.49 -26.23
N ASN A 199 -33.65 -1.54 -27.11
CA ASN A 199 -33.41 -1.84 -28.53
C ASN A 199 -31.97 -2.22 -28.82
N LEU A 200 -31.09 -2.21 -27.82
CA LEU A 200 -29.70 -2.66 -28.01
C LEU A 200 -29.61 -4.17 -27.78
N SER A 201 -30.33 -4.91 -28.62
CA SER A 201 -30.44 -6.35 -28.43
C SER A 201 -29.09 -7.04 -28.56
N SER A 202 -28.33 -6.70 -29.59
CA SER A 202 -27.02 -7.33 -29.81
C SER A 202 -25.88 -6.54 -29.20
N LEU A 203 -26.01 -6.19 -27.92
CA LEU A 203 -24.97 -5.45 -27.20
C LEU A 203 -24.23 -6.41 -26.29
N VAL A 204 -22.91 -6.38 -26.34
CA VAL A 204 -22.06 -7.32 -25.62
C VAL A 204 -21.34 -6.65 -24.45
N VAL A 205 -20.84 -5.44 -24.64
CA VAL A 205 -20.04 -4.74 -23.66
C VAL A 205 -20.71 -3.42 -23.33
N LEU A 206 -20.84 -3.12 -22.03
CA LEU A 206 -21.41 -1.86 -21.59
C LEU A 206 -20.57 -1.32 -20.44
N HIS A 207 -20.00 -0.13 -20.64
CA HIS A 207 -19.16 0.52 -19.64
C HIS A 207 -19.88 1.74 -19.10
N LEU A 208 -20.04 1.78 -17.77
CA LEU A 208 -20.65 2.93 -17.11
C LEU A 208 -19.85 3.37 -15.89
N HIS A 209 -18.56 3.06 -15.86
CA HIS A 209 -17.70 3.38 -14.74
C HIS A 209 -17.44 4.88 -14.67
N ASN A 210 -17.16 5.35 -13.45
CA ASN A 210 -16.67 6.70 -13.19
C ASN A 210 -17.69 7.77 -13.58
N ASN A 211 -18.94 7.56 -13.19
CA ASN A 211 -19.92 8.64 -13.18
C ASN A 211 -20.69 8.55 -11.86
N LYS A 212 -21.69 9.41 -11.70
CA LYS A 212 -22.38 9.58 -10.42
C LYS A 212 -23.67 8.78 -10.36
N ILE A 213 -23.68 7.60 -10.97
CA ILE A 213 -24.88 6.77 -11.01
C ILE A 213 -25.27 6.37 -9.59
N ARG A 214 -26.53 6.57 -9.25
CA ARG A 214 -27.01 6.31 -7.90
C ARG A 214 -28.17 5.33 -7.85
N SER A 215 -29.05 5.33 -8.85
CA SER A 215 -30.20 4.44 -8.86
C SER A 215 -30.33 3.76 -10.21
N LEU A 216 -30.62 2.45 -10.16
CA LEU A 216 -30.92 1.65 -11.34
C LEU A 216 -32.29 1.01 -11.11
N SER A 217 -33.25 1.36 -11.97
CA SER A 217 -34.55 0.72 -11.89
C SER A 217 -34.44 -0.76 -12.28
N GLN A 218 -35.36 -1.57 -11.75
CA GLN A 218 -35.29 -3.01 -11.94
C GLN A 218 -35.48 -3.44 -13.38
N HIS A 219 -35.95 -2.54 -14.26
CA HIS A 219 -36.12 -2.85 -15.67
C HIS A 219 -35.17 -2.07 -16.57
N CYS A 220 -34.10 -1.49 -16.00
CA CYS A 220 -33.20 -0.68 -16.79
C CYS A 220 -32.43 -1.53 -17.80
N PHE A 221 -32.10 -2.77 -17.46
CA PHE A 221 -31.37 -3.67 -18.34
C PHE A 221 -32.28 -4.68 -19.03
N ASP A 222 -33.59 -4.50 -18.97
CA ASP A 222 -34.50 -5.41 -19.66
C ASP A 222 -34.31 -5.31 -21.16
N GLY A 223 -34.32 -6.47 -21.83
CA GLY A 223 -34.09 -6.53 -23.25
C GLY A 223 -32.64 -6.44 -23.67
N LEU A 224 -31.72 -6.31 -22.71
CA LEU A 224 -30.29 -6.19 -22.99
C LEU A 224 -29.67 -7.58 -22.87
N ASP A 225 -30.04 -8.46 -23.79
CA ASP A 225 -29.55 -9.83 -23.78
C ASP A 225 -28.14 -9.90 -24.35
N ASN A 226 -27.53 -11.08 -24.18
CA ASN A 226 -26.15 -11.37 -24.58
C ASN A 226 -25.21 -10.20 -24.30
N LEU A 227 -25.33 -9.65 -23.09
CA LEU A 227 -24.43 -8.60 -22.60
C LEU A 227 -23.42 -9.27 -21.68
N GLU A 228 -22.19 -9.44 -22.17
CA GLU A 228 -21.20 -10.23 -21.44
C GLU A 228 -20.41 -9.41 -20.43
N THR A 229 -20.29 -8.10 -20.61
CA THR A 229 -19.52 -7.26 -19.71
C THR A 229 -20.35 -6.05 -19.29
N LEU A 230 -20.48 -5.84 -17.99
CA LEU A 230 -21.13 -4.65 -17.44
C LEU A 230 -20.19 -4.01 -16.43
N ASP A 231 -19.91 -2.72 -16.60
CA ASP A 231 -18.87 -2.04 -15.83
C ASP A 231 -19.45 -0.85 -15.07
N LEU A 232 -20.01 -1.11 -13.89
CA LEU A 232 -20.41 -0.05 -12.96
C LEU A 232 -19.38 0.15 -11.86
N ASN A 233 -18.14 0.45 -12.27
CA ASN A 233 -17.01 0.39 -11.34
C ASN A 233 -17.12 1.41 -10.22
N TYR A 234 -17.04 2.70 -10.54
CA TYR A 234 -16.83 3.74 -9.53
C TYR A 234 -18.04 4.65 -9.36
N ASN A 235 -19.24 4.06 -9.36
CA ASN A 235 -20.45 4.85 -9.18
C ASN A 235 -20.85 4.83 -7.71
N ASN A 236 -21.89 5.59 -7.37
CA ASN A 236 -22.40 5.64 -6.01
C ASN A 236 -23.67 4.79 -5.93
N LEU A 237 -23.49 3.48 -5.81
CA LEU A 237 -24.59 2.55 -5.60
C LEU A 237 -24.60 2.13 -4.13
N GLY A 238 -25.72 2.35 -3.46
CA GLY A 238 -25.88 1.93 -2.08
C GLY A 238 -26.56 0.57 -1.99
N GLU A 239 -27.62 0.40 -2.77
CA GLU A 239 -28.36 -0.86 -2.80
C GLU A 239 -27.89 -1.71 -3.97
N PHE A 240 -27.85 -3.01 -3.75
CA PHE A 240 -27.41 -3.93 -4.79
C PHE A 240 -28.43 -3.95 -5.93
N PRO A 241 -27.99 -3.75 -7.18
CA PRO A 241 -28.94 -3.71 -8.30
C PRO A 241 -29.47 -5.10 -8.62
N GLN A 242 -30.80 -5.21 -8.67
CA GLN A 242 -31.47 -6.44 -9.09
C GLN A 242 -31.62 -6.54 -10.60
N ALA A 243 -31.43 -5.44 -11.32
CA ALA A 243 -31.63 -5.44 -12.77
C ALA A 243 -30.71 -6.42 -13.48
N ILE A 244 -29.57 -6.76 -12.88
CA ILE A 244 -28.67 -7.74 -13.48
C ILE A 244 -29.32 -9.10 -13.64
N LYS A 245 -30.37 -9.39 -12.87
CA LYS A 245 -31.10 -10.65 -13.05
C LYS A 245 -31.75 -10.73 -14.43
N ALA A 246 -31.87 -9.61 -15.13
CA ALA A 246 -32.40 -9.60 -16.50
C ALA A 246 -31.34 -9.91 -17.54
N LEU A 247 -30.10 -10.19 -17.14
CA LEU A 247 -29.05 -10.51 -18.09
C LEU A 247 -28.80 -12.01 -18.07
N PRO A 248 -29.26 -12.76 -19.06
CA PRO A 248 -29.08 -14.23 -19.02
C PRO A 248 -27.63 -14.65 -19.13
N SER A 249 -26.91 -14.12 -20.13
CA SER A 249 -25.50 -14.39 -20.29
C SER A 249 -24.70 -13.15 -19.93
N LEU A 250 -23.83 -13.28 -18.94
CA LEU A 250 -23.03 -12.15 -18.44
C LEU A 250 -21.77 -12.73 -17.83
N LYS A 251 -20.61 -12.25 -18.28
CA LYS A 251 -19.32 -12.76 -17.81
C LYS A 251 -18.71 -11.87 -16.73
N GLU A 252 -18.53 -10.59 -17.03
CA GLU A 252 -17.86 -9.67 -16.12
C GLU A 252 -18.86 -8.70 -15.49
N LEU A 253 -18.89 -8.69 -14.16
CA LEU A 253 -19.66 -7.72 -13.39
C LEU A 253 -18.68 -6.93 -12.53
N GLY A 254 -18.77 -5.61 -12.58
CA GLY A 254 -17.71 -4.80 -12.00
C GLY A 254 -18.10 -3.68 -11.06
N PHE A 255 -19.06 -3.92 -10.16
CA PHE A 255 -19.39 -2.90 -9.16
C PHE A 255 -18.27 -2.86 -8.12
N HIS A 256 -17.30 -1.98 -8.33
CA HIS A 256 -16.06 -2.02 -7.55
C HIS A 256 -16.05 -1.03 -6.39
N SER A 257 -16.13 0.27 -6.67
CA SER A 257 -16.08 1.28 -5.61
C SER A 257 -17.45 1.94 -5.49
N ASN A 258 -18.31 1.33 -4.69
CA ASN A 258 -19.64 1.85 -4.47
C ASN A 258 -19.94 1.90 -2.98
N SER A 259 -21.18 2.17 -2.61
CA SER A 259 -21.63 2.12 -1.22
C SER A 259 -22.42 0.86 -0.92
N ILE A 260 -22.24 -0.18 -1.73
CA ILE A 260 -22.98 -1.43 -1.53
C ILE A 260 -22.53 -2.08 -0.24
N SER A 261 -23.49 -2.47 0.60
CA SER A 261 -23.20 -3.04 1.91
C SER A 261 -23.74 -4.45 2.10
N VAL A 262 -24.89 -4.76 1.53
CA VAL A 262 -25.53 -6.07 1.70
C VAL A 262 -25.73 -6.70 0.33
N ILE A 263 -25.25 -7.93 0.17
CA ILE A 263 -25.48 -8.73 -1.02
C ILE A 263 -26.52 -9.79 -0.68
N PRO A 264 -27.72 -9.73 -1.26
CA PRO A 264 -28.77 -10.68 -0.90
C PRO A 264 -28.49 -12.06 -1.44
N ASP A 265 -29.21 -13.04 -0.89
CA ASP A 265 -29.15 -14.40 -1.42
C ASP A 265 -29.75 -14.45 -2.81
N GLY A 266 -29.13 -15.23 -3.69
CA GLY A 266 -29.59 -15.28 -5.06
C GLY A 266 -29.32 -14.04 -5.85
N ALA A 267 -28.32 -13.26 -5.47
CA ALA A 267 -28.00 -12.02 -6.19
C ALA A 267 -27.55 -12.30 -7.61
N PHE A 268 -27.01 -13.48 -7.89
CA PHE A 268 -26.52 -13.83 -9.22
C PHE A 268 -27.30 -15.01 -9.80
N ASP A 269 -28.57 -15.13 -9.46
CA ASP A 269 -29.38 -16.23 -9.97
C ASP A 269 -29.56 -16.13 -11.48
N GLY A 270 -29.73 -14.91 -12.00
CA GLY A 270 -29.94 -14.73 -13.41
C GLY A 270 -28.70 -14.78 -14.27
N ASN A 271 -27.52 -14.96 -13.66
CA ASN A 271 -26.25 -14.98 -14.37
C ASN A 271 -25.51 -16.27 -14.02
N PRO A 272 -25.91 -17.40 -14.59
CA PRO A 272 -25.30 -18.67 -14.20
C PRO A 272 -23.88 -18.87 -14.70
N LEU A 273 -23.41 -18.06 -15.65
CA LEU A 273 -22.15 -18.32 -16.32
C LEU A 273 -21.20 -17.13 -16.23
N LEU A 274 -21.24 -16.40 -15.12
CA LEU A 274 -20.31 -15.31 -14.90
C LEU A 274 -18.98 -15.83 -14.38
N ARG A 275 -17.91 -15.16 -14.80
CA ARG A 275 -16.56 -15.55 -14.41
C ARG A 275 -15.86 -14.55 -13.51
N THR A 276 -16.16 -13.26 -13.65
CA THR A 276 -15.49 -12.21 -12.89
C THR A 276 -16.52 -11.36 -12.17
N ILE A 277 -16.36 -11.25 -10.85
CA ILE A 277 -17.13 -10.32 -10.03
C ILE A 277 -16.12 -9.43 -9.31
N HIS A 278 -16.14 -8.14 -9.63
CA HIS A 278 -15.28 -7.17 -8.95
C HIS A 278 -16.12 -6.39 -7.95
N LEU A 279 -15.76 -6.51 -6.67
CA LEU A 279 -16.46 -5.82 -5.60
C LEU A 279 -15.48 -5.29 -4.56
N TYR A 280 -14.21 -5.15 -4.93
CA TYR A 280 -13.19 -4.73 -3.98
C TYR A 280 -13.36 -3.26 -3.62
N ASP A 281 -13.08 -2.95 -2.36
CA ASP A 281 -13.08 -1.57 -1.85
C ASP A 281 -14.48 -0.98 -1.91
N ASN A 282 -15.43 -1.65 -1.26
CA ASN A 282 -16.70 -1.05 -0.91
C ASN A 282 -17.11 -1.54 0.48
N PRO A 283 -17.82 -0.74 1.26
CA PRO A 283 -18.10 -1.14 2.66
C PRO A 283 -19.13 -2.25 2.74
N LEU A 284 -18.66 -3.47 3.01
CA LEU A 284 -19.51 -4.64 3.08
C LEU A 284 -19.70 -5.06 4.53
N SER A 285 -20.93 -5.44 4.88
CA SER A 285 -21.22 -5.98 6.20
C SER A 285 -21.78 -7.39 6.13
N PHE A 286 -22.78 -7.62 5.28
CA PHE A 286 -23.43 -8.92 5.17
C PHE A 286 -23.35 -9.38 3.73
N VAL A 287 -23.08 -10.67 3.53
CA VAL A 287 -22.91 -11.22 2.19
C VAL A 287 -23.95 -12.29 1.87
N GLY A 288 -24.51 -12.95 2.86
CA GLY A 288 -25.48 -14.01 2.56
C GLY A 288 -24.81 -15.35 2.38
N ASN A 289 -25.47 -16.38 2.93
CA ASN A 289 -24.86 -17.71 2.96
C ASN A 289 -24.68 -18.28 1.55
N SER A 290 -25.69 -18.12 0.69
CA SER A 290 -25.68 -18.73 -0.62
C SER A 290 -25.67 -17.69 -1.75
N ALA A 291 -25.01 -16.56 -1.53
CA ALA A 291 -24.91 -15.56 -2.58
C ALA A 291 -24.05 -16.07 -3.73
N PHE A 292 -22.88 -16.63 -3.43
CA PHE A 292 -22.00 -17.20 -4.44
C PHE A 292 -22.20 -18.72 -4.41
N HIS A 293 -23.26 -19.16 -5.07
CA HIS A 293 -23.65 -20.56 -5.07
C HIS A 293 -24.12 -20.93 -6.48
N ASN A 294 -23.69 -22.12 -6.94
CA ASN A 294 -24.01 -22.63 -8.26
C ASN A 294 -23.42 -21.79 -9.38
N LEU A 295 -22.37 -21.02 -9.09
CA LEU A 295 -21.63 -20.27 -10.11
C LEU A 295 -20.46 -21.14 -10.54
N SER A 296 -20.70 -21.99 -11.54
CA SER A 296 -19.71 -22.99 -11.93
C SER A 296 -18.47 -22.34 -12.52
N ASP A 297 -18.65 -21.28 -13.32
CA ASP A 297 -17.54 -20.67 -14.04
C ASP A 297 -16.79 -19.62 -13.24
N LEU A 298 -17.26 -19.28 -12.04
CA LEU A 298 -16.58 -18.29 -11.22
C LEU A 298 -15.18 -18.75 -10.87
N HIS A 299 -14.20 -17.85 -11.02
CA HIS A 299 -12.80 -18.17 -10.79
C HIS A 299 -12.25 -17.66 -9.47
N SER A 300 -12.61 -16.44 -9.07
CA SER A 300 -12.11 -15.85 -7.84
C SER A 300 -13.27 -15.36 -7.00
N LEU A 301 -13.03 -15.28 -5.68
CA LEU A 301 -14.04 -14.80 -4.75
C LEU A 301 -13.30 -14.12 -3.60
N VAL A 302 -13.21 -12.80 -3.66
CA VAL A 302 -12.47 -12.02 -2.67
C VAL A 302 -13.46 -11.11 -1.96
N ILE A 303 -13.67 -11.35 -0.67
CA ILE A 303 -14.52 -10.52 0.18
C ILE A 303 -13.67 -10.01 1.33
N ARG A 304 -13.71 -8.71 1.58
CA ARG A 304 -12.97 -8.08 2.66
C ARG A 304 -13.86 -7.14 3.44
N GLY A 305 -13.76 -7.20 4.77
CA GLY A 305 -14.44 -6.27 5.64
C GLY A 305 -15.86 -6.63 6.03
N ALA A 306 -16.43 -7.69 5.48
CA ALA A 306 -17.79 -8.11 5.81
C ALA A 306 -17.76 -8.79 7.17
N SER A 307 -17.85 -7.98 8.22
CA SER A 307 -17.67 -8.47 9.59
C SER A 307 -18.93 -9.05 10.20
N MET A 308 -20.08 -8.96 9.52
CA MET A 308 -21.35 -9.40 10.10
C MET A 308 -21.74 -10.80 9.65
N VAL A 309 -20.97 -11.43 8.77
CA VAL A 309 -21.30 -12.74 8.24
C VAL A 309 -20.82 -13.81 9.22
N GLN A 310 -21.70 -14.76 9.54
CA GLN A 310 -21.44 -15.82 10.51
C GLN A 310 -20.93 -17.10 9.87
N GLN A 311 -21.70 -17.69 8.96
CA GLN A 311 -21.42 -19.01 8.44
C GLN A 311 -20.49 -18.94 7.24
N PHE A 312 -19.80 -20.05 6.98
CA PHE A 312 -18.99 -20.15 5.78
C PHE A 312 -19.89 -20.13 4.54
N PRO A 313 -19.44 -19.52 3.46
CA PRO A 313 -20.28 -19.45 2.26
C PRO A 313 -20.61 -20.84 1.72
N ASN A 314 -21.81 -20.96 1.16
CA ASN A 314 -22.25 -22.20 0.53
C ASN A 314 -21.75 -22.20 -0.91
N LEU A 315 -20.63 -22.87 -1.13
CA LEU A 315 -19.95 -22.86 -2.43
C LEU A 315 -20.23 -24.12 -3.25
N THR A 316 -21.22 -24.91 -2.86
CA THR A 316 -21.56 -26.10 -3.63
C THR A 316 -21.99 -25.71 -5.03
N GLY A 317 -21.41 -26.37 -6.03
CA GLY A 317 -21.59 -26.00 -7.41
C GLY A 317 -20.55 -25.05 -7.95
N THR A 318 -19.83 -24.36 -7.08
CA THR A 318 -18.72 -23.48 -7.46
C THR A 318 -17.44 -24.25 -7.23
N VAL A 319 -17.03 -25.03 -8.23
CA VAL A 319 -15.88 -25.91 -8.11
C VAL A 319 -14.68 -25.44 -8.93
N HIS A 320 -14.86 -24.45 -9.81
CA HIS A 320 -13.76 -23.90 -10.58
C HIS A 320 -13.09 -22.73 -9.87
N LEU A 321 -13.50 -22.43 -8.65
CA LEU A 321 -12.86 -21.36 -7.88
C LEU A 321 -11.38 -21.67 -7.70
N GLU A 322 -10.55 -20.67 -7.94
CA GLU A 322 -9.10 -20.84 -7.86
C GLU A 322 -8.47 -20.10 -6.69
N SER A 323 -9.15 -19.13 -6.11
CA SER A 323 -8.64 -18.42 -4.94
C SER A 323 -9.79 -17.74 -4.23
N LEU A 324 -10.02 -18.11 -2.97
CA LEU A 324 -11.05 -17.50 -2.16
C LEU A 324 -10.40 -16.76 -1.00
N THR A 325 -10.74 -15.49 -0.85
CA THR A 325 -10.28 -14.65 0.25
C THR A 325 -11.48 -14.22 1.07
N LEU A 326 -11.38 -14.38 2.38
CA LEU A 326 -12.49 -14.07 3.27
C LEU A 326 -12.11 -12.96 4.23
N THR A 327 -13.14 -12.30 4.76
CA THR A 327 -12.97 -11.06 5.50
C THR A 327 -12.42 -11.33 6.89
N GLY A 328 -12.35 -10.26 7.68
CA GLY A 328 -12.20 -10.40 9.12
C GLY A 328 -13.58 -10.41 9.75
N THR A 329 -14.08 -11.61 10.04
CA THR A 329 -15.47 -11.77 10.45
C THR A 329 -15.55 -12.85 11.53
N LYS A 330 -16.79 -13.21 11.87
CA LYS A 330 -17.07 -14.21 12.89
C LYS A 330 -17.37 -15.57 12.26
N ILE A 331 -16.36 -16.11 11.58
CA ILE A 331 -16.42 -17.46 11.03
C ILE A 331 -15.51 -18.35 11.87
N SER A 332 -16.09 -19.38 12.49
CA SER A 332 -15.35 -20.22 13.44
C SER A 332 -15.05 -21.60 12.91
N SER A 333 -15.64 -22.01 11.79
CA SER A 333 -15.48 -23.36 11.28
C SER A 333 -15.19 -23.34 9.79
N ILE A 334 -14.56 -24.41 9.31
CA ILE A 334 -14.27 -24.62 7.90
C ILE A 334 -14.93 -25.94 7.49
N PRO A 335 -15.69 -25.98 6.40
CA PRO A 335 -16.33 -27.24 6.00
C PRO A 335 -15.30 -28.29 5.62
N ASN A 336 -15.49 -29.50 6.16
CA ASN A 336 -14.53 -30.58 5.92
C ASN A 336 -14.45 -30.93 4.44
N ASN A 337 -15.50 -30.64 3.68
CA ASN A 337 -15.51 -30.88 2.24
C ASN A 337 -14.95 -29.72 1.44
N LEU A 338 -14.12 -28.87 2.07
CA LEU A 338 -13.52 -27.77 1.34
C LEU A 338 -12.60 -28.26 0.22
N CYS A 339 -11.83 -29.31 0.48
CA CYS A 339 -10.92 -29.83 -0.54
C CYS A 339 -11.54 -30.91 -1.41
N GLN A 340 -12.63 -31.54 -0.96
CA GLN A 340 -13.35 -32.46 -1.84
C GLN A 340 -13.91 -31.73 -3.04
N GLU A 341 -14.50 -30.56 -2.82
CA GLU A 341 -14.79 -29.62 -3.89
C GLU A 341 -13.59 -28.71 -4.11
N GLN A 342 -13.69 -27.80 -5.08
CA GLN A 342 -12.62 -26.85 -5.38
C GLN A 342 -11.30 -27.56 -5.65
N LYS A 343 -11.34 -28.49 -6.61
CA LYS A 343 -10.14 -29.24 -6.97
C LYS A 343 -9.06 -28.35 -7.56
N MET A 344 -9.43 -27.18 -8.11
CA MET A 344 -8.48 -26.28 -8.73
C MET A 344 -8.10 -25.11 -7.83
N LEU A 345 -8.47 -25.16 -6.56
CA LEU A 345 -8.15 -24.06 -5.64
C LEU A 345 -6.64 -23.90 -5.52
N ARG A 346 -6.17 -22.66 -5.65
CA ARG A 346 -4.76 -22.36 -5.68
C ARG A 346 -4.27 -21.58 -4.47
N THR A 347 -5.14 -20.81 -3.83
CA THR A 347 -4.76 -19.96 -2.70
C THR A 347 -5.98 -19.72 -1.83
N LEU A 348 -5.81 -19.83 -0.51
CA LEU A 348 -6.88 -19.47 0.41
C LEU A 348 -6.32 -18.54 1.48
N ASP A 349 -7.06 -17.46 1.75
CA ASP A 349 -6.66 -16.42 2.70
C ASP A 349 -7.85 -16.19 3.62
N LEU A 350 -7.93 -16.98 4.69
CA LEU A 350 -9.02 -16.80 5.65
C LEU A 350 -8.71 -15.70 6.65
N SER A 351 -7.46 -15.67 7.14
CA SER A 351 -6.90 -14.53 7.86
C SER A 351 -7.74 -14.04 9.03
N TYR A 352 -8.14 -12.77 8.98
CA TYR A 352 -8.50 -12.01 10.18
C TYR A 352 -9.68 -12.60 10.94
N ASN A 353 -10.49 -13.44 10.31
CA ASN A 353 -11.62 -14.04 11.02
C ASN A 353 -11.12 -14.95 12.14
N ASN A 354 -12.05 -15.41 12.98
CA ASN A 354 -11.70 -16.18 14.17
C ASN A 354 -11.97 -17.67 13.94
N ILE A 355 -11.02 -18.32 13.26
CA ILE A 355 -11.07 -19.76 13.02
C ILE A 355 -10.43 -20.47 14.19
N ARG A 356 -11.05 -21.55 14.65
CA ARG A 356 -10.55 -22.30 15.79
C ARG A 356 -10.02 -23.67 15.43
N ASP A 357 -10.75 -24.45 14.63
CA ASP A 357 -10.36 -25.80 14.28
C ASP A 357 -10.04 -25.88 12.79
N LEU A 358 -8.93 -26.53 12.46
CA LEU A 358 -8.52 -26.71 11.08
C LEU A 358 -8.88 -28.10 10.60
N PRO A 359 -9.67 -28.25 9.55
CA PRO A 359 -9.95 -29.59 9.03
C PRO A 359 -8.74 -30.15 8.31
N SER A 360 -8.78 -31.46 8.08
CA SER A 360 -7.69 -32.13 7.36
C SER A 360 -7.64 -31.62 5.93
N PHE A 361 -6.51 -31.04 5.54
CA PHE A 361 -6.34 -30.46 4.22
C PHE A 361 -5.87 -31.48 3.19
N ASN A 362 -6.12 -32.76 3.41
CA ASN A 362 -5.79 -33.77 2.42
C ASN A 362 -6.52 -33.47 1.11
N GLY A 363 -5.84 -33.69 0.00
CA GLY A 363 -6.31 -33.18 -1.27
C GLY A 363 -5.78 -31.78 -1.51
N CYS A 364 -6.46 -31.06 -2.40
CA CYS A 364 -6.06 -29.71 -2.78
C CYS A 364 -4.61 -29.68 -3.26
N HIS A 365 -4.30 -30.57 -4.21
CA HIS A 365 -2.94 -30.71 -4.70
C HIS A 365 -2.43 -29.44 -5.37
N ALA A 366 -3.32 -28.60 -5.88
CA ALA A 366 -2.91 -27.35 -6.51
C ALA A 366 -2.80 -26.19 -5.53
N LEU A 367 -3.19 -26.40 -4.27
CA LEU A 367 -3.13 -25.32 -3.28
C LEU A 367 -1.69 -24.95 -3.00
N GLU A 368 -1.39 -23.65 -3.05
CA GLU A 368 -0.02 -23.16 -2.90
C GLU A 368 0.16 -22.22 -1.72
N GLU A 369 -0.83 -21.37 -1.43
CA GLU A 369 -0.73 -20.41 -0.35
C GLU A 369 -1.91 -20.57 0.60
N ILE A 370 -1.60 -20.69 1.89
CA ILE A 370 -2.59 -20.75 2.95
C ILE A 370 -2.26 -19.64 3.94
N SER A 371 -3.21 -18.73 4.15
CA SER A 371 -3.01 -17.61 5.06
C SER A 371 -4.03 -17.71 6.19
N LEU A 372 -3.55 -17.96 7.40
CA LEU A 372 -4.38 -18.00 8.61
C LEU A 372 -3.71 -17.14 9.67
N GLN A 373 -3.98 -15.84 9.63
CA GLN A 373 -3.40 -14.89 10.56
C GLN A 373 -4.48 -14.34 11.49
N ARG A 374 -4.10 -14.10 12.73
CA ARG A 374 -5.00 -13.53 13.74
C ARG A 374 -6.25 -14.37 13.96
N ASN A 375 -6.18 -15.65 13.64
CA ASN A 375 -7.21 -16.60 14.03
C ASN A 375 -7.00 -16.98 15.49
N GLN A 376 -7.76 -17.98 15.96
CA GLN A 376 -7.56 -18.53 17.29
C GLN A 376 -7.48 -20.05 17.15
N ILE A 377 -6.28 -20.54 16.83
CA ILE A 377 -6.03 -21.96 16.61
C ILE A 377 -5.15 -22.45 17.74
N TYR A 378 -5.62 -23.44 18.48
CA TYR A 378 -4.95 -23.81 19.71
C TYR A 378 -3.89 -24.90 19.52
N GLN A 379 -3.98 -25.70 18.46
CA GLN A 379 -2.94 -26.67 18.18
C GLN A 379 -2.97 -27.06 16.70
N ILE A 380 -1.87 -27.64 16.25
CA ILE A 380 -1.74 -28.17 14.90
C ILE A 380 -1.69 -29.69 15.02
N LYS A 381 -2.72 -30.35 14.50
CA LYS A 381 -2.75 -31.81 14.55
C LYS A 381 -1.85 -32.39 13.47
N GLU A 382 -1.56 -33.69 13.61
CA GLU A 382 -0.64 -34.35 12.68
C GLU A 382 -1.21 -34.39 11.27
N GLY A 383 -2.51 -34.64 11.14
CA GLY A 383 -3.15 -34.76 9.84
C GLY A 383 -3.72 -33.48 9.27
N THR A 384 -3.49 -32.34 9.90
CA THR A 384 -4.06 -31.08 9.40
C THR A 384 -3.47 -30.71 8.05
N PHE A 385 -2.16 -30.89 7.88
CA PHE A 385 -1.47 -30.53 6.64
C PHE A 385 -0.99 -31.76 5.87
N GLN A 386 -1.63 -32.91 6.09
CA GLN A 386 -1.26 -34.12 5.38
C GLN A 386 -1.44 -33.93 3.88
N GLY A 387 -0.45 -34.32 3.12
CA GLY A 387 -0.46 -34.10 1.67
C GLY A 387 -0.02 -32.68 1.33
N LEU A 388 -0.90 -31.93 0.66
CA LEU A 388 -0.65 -30.53 0.30
C LEU A 388 0.68 -30.36 -0.43
N ILE A 389 0.84 -31.13 -1.51
CA ILE A 389 1.98 -30.91 -2.38
C ILE A 389 1.85 -29.55 -3.07
N SER A 390 3.00 -29.01 -3.47
CA SER A 390 3.07 -27.69 -4.11
C SER A 390 2.60 -26.57 -3.19
N LEU A 391 2.62 -26.81 -1.88
CA LEU A 391 2.28 -25.79 -0.90
C LEU A 391 3.56 -25.04 -0.54
N ARG A 392 3.64 -23.78 -0.95
CA ARG A 392 4.87 -23.02 -0.80
C ARG A 392 4.89 -22.18 0.48
N ILE A 393 3.91 -21.29 0.63
CA ILE A 393 3.88 -20.31 1.72
C ILE A 393 2.84 -20.75 2.74
N LEU A 394 3.21 -20.74 4.01
CA LEU A 394 2.29 -21.03 5.09
C LEU A 394 2.43 -19.95 6.16
N ASP A 395 1.31 -19.32 6.49
CA ASP A 395 1.27 -18.25 7.49
C ASP A 395 0.34 -18.65 8.61
N LEU A 396 0.84 -18.62 9.84
CA LEU A 396 0.04 -18.97 11.01
C LEU A 396 0.25 -18.00 12.16
N SER A 397 0.73 -16.80 11.88
CA SER A 397 1.08 -15.87 12.93
C SER A 397 -0.16 -15.33 13.65
N ARG A 398 0.08 -14.76 14.83
CA ARG A 398 -0.94 -14.11 15.65
C ARG A 398 -2.05 -15.05 16.09
N ASN A 399 -1.76 -16.34 16.20
CA ASN A 399 -2.71 -17.32 16.72
C ASN A 399 -2.25 -17.82 18.07
N LEU A 400 -3.12 -18.57 18.75
CA LEU A 400 -2.80 -19.13 20.05
C LEU A 400 -2.37 -20.60 19.93
N ILE A 401 -1.28 -20.82 19.20
CA ILE A 401 -0.84 -22.17 18.88
C ILE A 401 0.13 -22.62 19.97
N HIS A 402 -0.37 -23.37 20.94
CA HIS A 402 0.47 -23.85 22.03
C HIS A 402 1.09 -25.21 21.76
N GLU A 403 0.58 -25.96 20.79
CA GLU A 403 1.09 -27.30 20.51
C GLU A 403 1.14 -27.53 19.01
N ILE A 404 2.28 -28.05 18.55
CA ILE A 404 2.45 -28.50 17.18
C ILE A 404 2.95 -29.94 17.23
N HIS A 405 2.29 -30.83 16.48
CA HIS A 405 2.69 -32.22 16.45
C HIS A 405 4.05 -32.36 15.80
N SER A 406 4.79 -33.41 16.20
CA SER A 406 6.16 -33.58 15.74
C SER A 406 6.23 -33.73 14.23
N ARG A 407 5.32 -34.51 13.64
CA ARG A 407 5.31 -34.74 12.21
C ARG A 407 4.20 -33.97 11.51
N ALA A 408 3.89 -32.76 11.98
CA ALA A 408 2.85 -31.96 11.35
C ALA A 408 3.27 -31.49 9.97
N PHE A 409 4.54 -31.14 9.79
CA PHE A 409 5.05 -30.62 8.52
C PHE A 409 5.87 -31.65 7.75
N ALA A 410 5.82 -32.92 8.15
CA ALA A 410 6.67 -33.93 7.53
C ALA A 410 6.33 -34.13 6.05
N THR A 411 5.04 -34.16 5.71
CA THR A 411 4.63 -34.44 4.34
C THR A 411 4.88 -33.26 3.40
N LEU A 412 4.91 -32.04 3.92
CA LEU A 412 5.11 -30.85 3.10
C LEU A 412 6.51 -30.87 2.52
N GLY A 413 6.61 -31.02 1.20
CA GLY A 413 7.89 -31.06 0.53
C GLY A 413 8.43 -29.71 0.11
N PRO A 414 7.69 -28.99 -0.74
CA PRO A 414 8.23 -27.75 -1.33
C PRO A 414 7.98 -26.50 -0.50
N ILE A 415 7.62 -26.66 0.77
CA ILE A 415 7.31 -25.49 1.60
C ILE A 415 8.53 -24.59 1.69
N THR A 416 8.31 -23.29 1.51
CA THR A 416 9.39 -22.32 1.44
C THR A 416 9.33 -21.26 2.53
N ASN A 417 8.17 -20.63 2.74
CA ASN A 417 8.00 -19.58 3.74
C ASN A 417 7.12 -20.11 4.87
N LEU A 418 7.56 -19.91 6.11
CA LEU A 418 6.79 -20.31 7.28
C LEU A 418 6.73 -19.16 8.26
N ASP A 419 5.51 -18.76 8.63
CA ASP A 419 5.29 -17.64 9.55
C ASP A 419 4.43 -18.13 10.70
N VAL A 420 5.05 -18.35 11.86
CA VAL A 420 4.33 -18.75 13.06
C VAL A 420 4.63 -17.80 14.20
N SER A 421 4.86 -16.53 13.87
CA SER A 421 5.22 -15.54 14.88
C SER A 421 4.07 -15.29 15.85
N PHE A 422 4.40 -14.90 17.07
CA PHE A 422 3.43 -14.50 18.09
C PHE A 422 2.37 -15.57 18.31
N ASN A 423 2.80 -16.83 18.37
CA ASN A 423 1.87 -17.94 18.47
C ASN A 423 1.90 -18.61 19.84
N GLU A 424 2.66 -18.09 20.79
CA GLU A 424 2.72 -18.66 22.14
C GLU A 424 3.09 -20.15 22.09
N LEU A 425 4.26 -20.41 21.50
CA LEU A 425 4.73 -21.78 21.32
C LEU A 425 5.60 -22.22 22.48
N THR A 426 5.87 -23.53 22.53
CA THR A 426 6.79 -24.11 23.49
C THR A 426 7.78 -25.08 22.87
N SER A 427 7.51 -25.62 21.69
CA SER A 427 8.43 -26.51 21.00
C SER A 427 8.15 -26.44 19.51
N PHE A 428 9.20 -26.58 18.71
CA PHE A 428 9.09 -26.46 17.27
C PHE A 428 9.63 -27.69 16.57
N PRO A 429 8.87 -28.31 15.67
CA PRO A 429 9.39 -29.47 14.94
C PRO A 429 10.46 -29.07 13.94
N THR A 430 11.15 -30.09 13.43
CA THR A 430 12.24 -29.87 12.50
C THR A 430 12.04 -30.63 11.19
N GLU A 431 11.44 -31.82 11.28
CA GLU A 431 11.29 -32.66 10.10
C GLU A 431 10.34 -32.03 9.09
N GLY A 432 10.72 -32.12 7.81
CA GLY A 432 9.91 -31.61 6.73
C GLY A 432 10.14 -30.15 6.38
N LEU A 433 10.94 -29.43 7.17
CA LEU A 433 11.20 -28.02 6.95
C LEU A 433 12.58 -27.76 6.37
N ASN A 434 13.20 -28.78 5.78
CA ASN A 434 14.55 -28.63 5.25
C ASN A 434 14.62 -27.61 4.12
N GLY A 435 13.54 -27.45 3.36
CA GLY A 435 13.50 -26.57 2.23
C GLY A 435 13.09 -25.14 2.52
N LEU A 436 12.94 -24.76 3.79
CA LEU A 436 12.49 -23.43 4.12
C LEU A 436 13.53 -22.39 3.70
N ASN A 437 13.04 -21.28 3.15
CA ASN A 437 13.88 -20.12 2.83
C ASN A 437 13.57 -18.92 3.70
N GLN A 438 12.56 -19.00 4.57
CA GLN A 438 12.21 -17.91 5.46
C GLN A 438 11.38 -18.46 6.60
N LEU A 439 11.81 -18.21 7.83
CA LEU A 439 11.12 -18.71 9.02
C LEU A 439 10.94 -17.56 10.02
N LYS A 440 9.72 -17.42 10.53
CA LYS A 440 9.39 -16.36 11.48
C LYS A 440 8.89 -16.97 12.77
N LEU A 441 9.51 -16.57 13.90
CA LEU A 441 9.17 -17.07 15.23
C LEU A 441 9.26 -15.96 16.28
N VAL A 442 8.94 -14.72 15.90
CA VAL A 442 9.32 -13.55 16.69
C VAL A 442 8.71 -13.60 18.08
N GLY A 443 7.40 -13.83 18.17
CA GLY A 443 6.68 -13.61 19.39
C GLY A 443 6.56 -14.77 20.34
N ASN A 444 7.25 -15.89 20.09
CA ASN A 444 7.14 -17.07 20.95
C ASN A 444 8.19 -16.96 22.07
N PHE A 445 7.87 -16.12 23.05
CA PHE A 445 8.78 -15.92 24.17
C PHE A 445 8.92 -17.17 25.03
N LYS A 446 7.93 -18.06 24.99
CA LYS A 446 8.01 -19.30 25.76
C LYS A 446 8.86 -20.35 25.06
N LEU A 447 9.19 -20.14 23.78
CA LEU A 447 10.06 -21.06 23.05
C LEU A 447 11.51 -20.69 23.33
N LYS A 448 12.21 -21.54 24.10
CA LYS A 448 13.53 -21.19 24.59
C LYS A 448 14.63 -22.15 24.16
N GLU A 449 14.31 -23.39 23.77
CA GLU A 449 15.35 -24.33 23.38
C GLU A 449 15.96 -23.93 22.05
N ALA A 450 17.24 -24.23 21.87
CA ALA A 450 17.94 -23.85 20.66
C ALA A 450 17.44 -24.67 19.48
N LEU A 451 17.42 -24.03 18.30
CA LEU A 451 17.03 -24.70 17.07
C LEU A 451 18.30 -25.05 16.28
N ALA A 452 18.49 -26.34 16.03
CA ALA A 452 19.69 -26.79 15.34
C ALA A 452 19.70 -26.31 13.90
N ALA A 453 20.87 -25.86 13.45
CA ALA A 453 21.03 -25.40 12.08
C ALA A 453 21.25 -26.54 11.10
N LYS A 454 21.44 -27.77 11.58
CA LYS A 454 21.63 -28.90 10.68
C LYS A 454 20.35 -29.24 9.93
N ASP A 455 19.19 -29.01 10.56
CA ASP A 455 17.93 -29.30 9.90
C ASP A 455 17.58 -28.25 8.85
N PHE A 456 17.81 -26.97 9.16
CA PHE A 456 17.46 -25.88 8.27
C PHE A 456 18.69 -25.47 7.50
N VAL A 457 18.96 -26.18 6.39
CA VAL A 457 20.15 -25.91 5.59
C VAL A 457 19.92 -24.91 4.47
N ASN A 458 18.70 -24.42 4.29
CA ASN A 458 18.39 -23.51 3.19
C ASN A 458 17.79 -22.18 3.68
N LEU A 459 17.94 -21.86 4.96
CA LEU A 459 17.39 -20.59 5.45
C LEU A 459 18.14 -19.41 4.85
N ARG A 460 17.38 -18.35 4.56
CA ARG A 460 17.94 -17.07 4.17
C ARG A 460 17.39 -15.90 4.99
N SER A 461 16.24 -16.07 5.65
CA SER A 461 15.72 -15.09 6.59
C SER A 461 15.15 -15.84 7.79
N LEU A 462 15.60 -15.49 8.98
CA LEU A 462 15.16 -16.15 10.19
C LEU A 462 14.81 -15.09 11.23
N SER A 463 13.76 -15.39 12.01
CA SER A 463 13.33 -14.48 13.07
C SER A 463 12.99 -15.33 14.29
N VAL A 464 13.90 -15.35 15.26
CA VAL A 464 13.75 -16.14 16.46
C VAL A 464 13.42 -15.23 17.64
N PRO A 465 12.71 -15.71 18.66
CA PRO A 465 12.33 -14.81 19.77
C PRO A 465 13.50 -14.25 20.55
N TYR A 466 14.58 -15.02 20.72
CA TYR A 466 15.71 -14.61 21.54
C TYR A 466 16.98 -14.57 20.70
N ALA A 467 17.84 -13.58 20.98
CA ALA A 467 19.04 -13.39 20.19
C ALA A 467 20.04 -14.54 20.34
N TYR A 468 19.95 -15.31 21.42
CA TYR A 468 20.88 -16.42 21.62
C TYR A 468 20.56 -17.60 20.69
N GLN A 469 19.32 -17.72 20.24
CA GLN A 469 18.97 -18.83 19.36
C GLN A 469 19.48 -18.62 17.94
N CYS A 470 19.67 -17.36 17.53
CA CYS A 470 20.03 -17.05 16.16
C CYS A 470 21.52 -17.25 15.87
N CYS A 471 22.41 -17.02 16.84
CA CYS A 471 23.84 -17.08 16.54
C CYS A 471 24.29 -18.49 16.25
N ALA A 472 23.50 -19.51 16.63
CA ALA A 472 23.81 -20.87 16.22
C ALA A 472 23.77 -21.03 14.71
N PHE A 473 23.04 -20.17 14.01
CA PHE A 473 23.03 -20.14 12.55
C PHE A 473 24.11 -19.23 11.98
N TRP A 474 24.82 -18.50 12.83
CA TRP A 474 25.89 -17.56 12.43
C TRP A 474 25.27 -16.54 11.47
N GLY A 475 25.83 -16.31 10.30
CA GLY A 475 25.29 -15.33 9.37
C GLY A 475 26.15 -15.13 8.14
N ILE A 518 25.90 -19.25 1.71
CA ILE A 518 24.59 -18.80 2.16
C ILE A 518 24.74 -17.91 3.39
N ILE A 519 24.12 -16.74 3.35
CA ILE A 519 24.13 -15.78 4.44
C ILE A 519 22.75 -15.76 5.06
N ILE A 520 22.68 -16.03 6.37
CA ILE A 520 21.43 -16.06 7.10
C ILE A 520 21.26 -14.72 7.81
N HIS A 521 20.12 -14.07 7.57
CA HIS A 521 19.80 -12.79 8.20
C HIS A 521 18.82 -13.03 9.33
N CYS A 522 19.22 -12.74 10.56
CA CYS A 522 18.42 -12.96 11.75
C CYS A 522 17.92 -11.64 12.30
N THR A 523 16.62 -11.56 12.58
CA THR A 523 16.04 -10.31 13.06
C THR A 523 16.62 -9.86 14.40
N PRO A 524 16.70 -10.68 15.45
CA PRO A 524 17.34 -10.22 16.69
C PRO A 524 18.86 -10.29 16.57
N SER A 525 19.48 -9.12 16.46
CA SER A 525 20.93 -9.07 16.28
C SER A 525 21.64 -9.59 17.51
N THR A 526 22.62 -10.47 17.29
CA THR A 526 23.39 -11.01 18.42
C THR A 526 24.21 -9.90 19.09
N GLY A 527 24.98 -9.16 18.30
CA GLY A 527 25.74 -8.03 18.80
C GLY A 527 26.79 -8.46 19.82
N ALA A 528 27.13 -7.51 20.70
CA ALA A 528 28.07 -7.78 21.78
C ALA A 528 27.42 -7.81 23.16
N PHE A 529 26.23 -7.23 23.30
CA PHE A 529 25.50 -7.27 24.57
C PHE A 529 24.68 -8.54 24.73
N LYS A 530 24.65 -9.40 23.72
CA LYS A 530 24.04 -10.72 23.82
C LYS A 530 25.04 -11.75 23.27
N PRO A 531 26.18 -11.91 23.93
CA PRO A 531 27.19 -12.83 23.40
C PRO A 531 26.78 -14.26 23.61
N CYS A 532 27.24 -15.14 22.70
CA CYS A 532 27.00 -16.56 22.87
C CYS A 532 28.28 -17.39 22.82
N GLU A 533 29.44 -16.75 22.70
CA GLU A 533 30.72 -17.41 22.84
C GLU A 533 31.35 -17.19 24.20
N TYR A 534 31.58 -15.93 24.58
CA TYR A 534 32.20 -15.63 25.87
C TYR A 534 31.45 -14.47 26.51
N LEU A 535 31.05 -14.64 27.76
CA LEU A 535 30.29 -13.60 28.45
C LEU A 535 31.13 -12.36 28.71
N LEU A 536 32.31 -12.54 29.30
CA LEU A 536 33.17 -11.40 29.62
C LEU A 536 33.91 -10.86 28.41
N GLY A 537 34.32 -11.72 27.49
CA GLY A 537 35.01 -11.28 26.29
C GLY A 537 36.46 -11.72 26.28
N SER A 538 37.37 -10.76 26.12
CA SER A 538 38.78 -11.07 25.95
C SER A 538 39.40 -11.57 27.25
N TRP A 539 40.55 -12.21 27.11
CA TRP A 539 41.25 -12.78 28.27
C TRP A 539 41.70 -11.69 29.23
N MET A 540 42.09 -10.52 28.71
CA MET A 540 42.50 -9.43 29.58
C MET A 540 41.33 -8.96 30.45
N ILE A 541 40.14 -8.83 29.86
CA ILE A 541 38.96 -8.45 30.64
C ILE A 541 38.62 -9.54 31.65
N ARG A 542 38.72 -10.80 31.23
CA ARG A 542 38.42 -11.90 32.14
C ARG A 542 39.33 -11.88 33.36
N LEU A 543 40.64 -11.74 33.14
CA LEU A 543 41.58 -11.68 34.26
C LEU A 543 41.41 -10.42 35.09
N THR A 544 41.11 -9.28 34.48
CA THR A 544 40.88 -8.06 35.27
C THR A 544 39.67 -8.23 36.18
N VAL A 545 38.60 -8.83 35.66
CA VAL A 545 37.41 -9.08 36.48
C VAL A 545 37.73 -10.06 37.59
N TRP A 546 38.49 -11.11 37.28
CA TRP A 546 38.87 -12.07 38.31
C TRP A 546 39.67 -11.42 39.43
N PHE A 547 40.65 -10.60 39.06
CA PHE A 547 41.47 -9.91 40.05
C PHE A 547 40.63 -8.95 40.89
N ILE A 548 39.73 -8.21 40.24
CA ILE A 548 38.87 -7.27 40.96
C ILE A 548 38.01 -8.02 41.96
N PHE A 549 37.42 -9.13 41.53
CA PHE A 549 36.57 -9.92 42.43
C PHE A 549 37.37 -10.42 43.63
N LEU A 550 38.55 -10.99 43.37
CA LEU A 550 39.35 -11.56 44.46
C LEU A 550 39.76 -10.49 45.46
N VAL A 551 40.32 -9.37 44.96
CA VAL A 551 40.79 -8.34 45.87
C VAL A 551 39.62 -7.72 46.64
N ALA A 552 38.51 -7.47 45.95
CA ALA A 552 37.35 -6.88 46.62
C ALA A 552 36.85 -7.79 47.73
N LEU A 553 36.62 -9.06 47.42
CA LEU A 553 36.09 -9.97 48.42
C LEU A 553 37.03 -10.07 49.61
N PHE A 554 38.31 -10.34 49.36
CA PHE A 554 39.24 -10.59 50.47
C PHE A 554 39.44 -9.34 51.32
N PHE A 555 39.70 -8.19 50.68
CA PHE A 555 39.96 -6.98 51.45
C PHE A 555 38.72 -6.50 52.18
N ASN A 556 37.55 -6.60 51.55
CA ASN A 556 36.31 -6.22 52.23
C ASN A 556 36.07 -7.10 53.45
N LEU A 557 36.26 -8.41 53.30
CA LEU A 557 36.07 -9.31 54.43
C LEU A 557 37.05 -9.01 55.55
N LEU A 558 38.31 -8.74 55.19
CA LEU A 558 39.32 -8.42 56.19
C LEU A 558 38.97 -7.14 56.94
N VAL A 559 38.55 -6.10 56.22
CA VAL A 559 38.19 -4.84 56.85
C VAL A 559 36.98 -5.02 57.76
N ILE A 560 35.98 -5.76 57.29
CA ILE A 560 34.79 -5.99 58.10
C ILE A 560 35.15 -6.68 59.39
N LEU A 561 35.97 -7.73 59.32
CA LEU A 561 36.36 -8.42 60.55
C LEU A 561 37.16 -7.52 61.47
N THR A 562 38.18 -6.83 60.95
CA THR A 562 39.05 -6.03 61.80
C THR A 562 38.34 -4.79 62.34
N THR A 563 37.20 -4.41 61.76
CA THR A 563 36.46 -3.28 62.30
C THR A 563 35.36 -3.71 63.27
N PHE A 564 34.63 -4.77 62.97
CA PHE A 564 33.51 -5.20 63.80
C PHE A 564 33.90 -6.25 64.83
N ALA A 565 35.17 -6.65 64.89
CA ALA A 565 35.62 -7.61 65.89
C ALA A 565 36.03 -6.95 67.20
N SER A 566 35.98 -5.62 67.28
CA SER A 566 36.35 -4.95 68.52
C SER A 566 35.27 -5.10 69.59
N CYS A 567 34.01 -5.24 69.17
CA CYS A 567 32.85 -5.40 70.06
C CYS A 567 32.89 -4.39 71.20
N THR A 568 33.16 -3.14 70.85
CA THR A 568 33.27 -2.05 71.81
C THR A 568 32.57 -0.83 71.23
N SER A 569 32.83 0.33 71.83
CA SER A 569 32.25 1.58 71.33
C SER A 569 32.74 1.86 69.92
N LEU A 570 31.80 1.96 68.98
CA LEU A 570 32.14 2.17 67.58
C LEU A 570 31.87 3.62 67.19
N PRO A 571 32.89 4.40 66.87
CA PRO A 571 32.65 5.76 66.37
C PRO A 571 31.90 5.73 65.04
N SER A 572 31.26 6.86 64.75
CA SER A 572 30.44 6.95 63.54
C SER A 572 31.28 6.74 62.28
N SER A 573 32.48 7.31 62.23
CA SER A 573 33.33 7.15 61.06
C SER A 573 33.71 5.69 60.85
N LYS A 574 34.12 5.00 61.92
CA LYS A 574 34.49 3.60 61.80
C LYS A 574 33.30 2.73 61.40
N LEU A 575 32.13 3.00 61.97
CA LEU A 575 30.93 2.26 61.60
C LEU A 575 30.60 2.47 60.13
N PHE A 576 30.74 3.71 59.66
CA PHE A 576 30.44 4.00 58.25
C PHE A 576 31.43 3.32 57.33
N ILE A 577 32.71 3.28 57.72
CA ILE A 577 33.70 2.55 56.95
C ILE A 577 33.33 1.07 56.87
N GLY A 578 32.92 0.49 57.99
CA GLY A 578 32.49 -0.90 57.98
C GLY A 578 31.30 -1.15 57.07
N LEU A 579 30.33 -0.23 57.09
CA LEU A 579 29.15 -0.40 56.24
C LEU A 579 29.50 -0.27 54.77
N ILE A 580 30.36 0.69 54.41
CA ILE A 580 30.81 0.79 53.03
C ILE A 580 31.55 -0.48 52.63
N SER A 581 32.34 -1.04 53.53
CA SER A 581 33.03 -2.30 53.24
C SER A 581 32.03 -3.43 53.02
N VAL A 582 30.94 -3.44 53.78
CA VAL A 582 29.91 -4.46 53.58
C VAL A 582 29.29 -4.33 52.19
N SER A 583 28.96 -3.10 51.79
CA SER A 583 28.37 -2.90 50.46
C SER A 583 29.35 -3.30 49.36
N ASN A 584 30.63 -2.96 49.52
CA ASN A 584 31.62 -3.35 48.54
C ASN A 584 31.82 -4.86 48.51
N LEU A 585 31.70 -5.53 49.66
CA LEU A 585 31.73 -6.98 49.68
C LEU A 585 30.55 -7.57 48.90
N PHE A 586 29.38 -6.96 49.02
CA PHE A 586 28.23 -7.43 48.24
C PHE A 586 28.47 -7.26 46.74
N MET A 587 29.07 -6.13 46.34
CA MET A 587 29.39 -5.95 44.92
C MET A 587 30.43 -6.97 44.47
N GLY A 588 31.40 -7.28 45.34
CA GLY A 588 32.36 -8.33 45.03
C GLY A 588 31.70 -9.69 44.86
N ILE A 589 30.68 -9.97 45.68
CA ILE A 589 29.92 -11.21 45.53
C ILE A 589 29.21 -11.22 44.18
N TYR A 590 28.67 -10.07 43.77
CA TYR A 590 28.01 -9.99 42.47
C TYR A 590 28.99 -10.29 41.34
N THR A 591 30.16 -9.65 41.35
CA THR A 591 31.12 -9.88 40.27
C THR A 591 31.70 -11.29 40.34
N GLY A 592 31.75 -11.89 41.52
CA GLY A 592 32.12 -13.29 41.62
C GLY A 592 31.10 -14.21 41.00
N ILE A 593 29.82 -13.92 41.21
CA ILE A 593 28.76 -14.66 40.52
C ILE A 593 28.96 -14.54 39.02
N LEU A 594 29.22 -13.33 38.54
CA LEU A 594 29.41 -13.12 37.10
C LEU A 594 30.60 -13.92 36.58
N THR A 595 31.71 -13.91 37.30
CA THR A 595 32.91 -14.58 36.80
C THR A 595 32.79 -16.10 36.91
N PHE A 596 32.09 -16.61 37.92
CA PHE A 596 31.82 -18.04 37.97
C PHE A 596 30.91 -18.47 36.82
N LEU A 597 29.89 -17.68 36.50
CA LEU A 597 29.05 -17.99 35.35
C LEU A 597 29.88 -18.01 34.07
N ASP A 598 30.76 -17.02 33.89
CA ASP A 598 31.60 -16.99 32.71
C ASP A 598 32.53 -18.20 32.65
N ALA A 599 33.10 -18.59 33.79
CA ALA A 599 34.01 -19.72 33.81
C ALA A 599 33.29 -21.02 33.48
N VAL A 600 32.14 -21.26 34.11
CA VAL A 600 31.39 -22.50 33.86
C VAL A 600 30.67 -22.49 32.52
N SER A 601 30.62 -21.34 31.84
CA SER A 601 30.01 -21.24 30.52
C SER A 601 31.01 -20.66 29.53
N TRP A 602 32.23 -21.17 29.56
CA TRP A 602 33.28 -20.69 28.67
C TRP A 602 33.15 -21.34 27.30
N GLY A 603 32.89 -20.54 26.28
CA GLY A 603 32.80 -21.02 24.92
C GLY A 603 31.47 -21.61 24.52
N ARG A 604 30.52 -21.72 25.45
CA ARG A 604 29.23 -22.33 25.17
C ARG A 604 28.10 -21.54 25.82
N PHE A 605 28.17 -20.22 25.75
CA PHE A 605 27.17 -19.38 26.39
C PHE A 605 25.87 -19.30 25.61
N ALA A 606 25.82 -19.88 24.40
CA ALA A 606 24.60 -19.81 23.60
C ALA A 606 23.42 -20.47 24.31
N GLU A 607 23.64 -21.67 24.87
CA GLU A 607 22.57 -22.34 25.59
C GLU A 607 22.32 -21.74 26.97
N PHE A 608 23.36 -21.16 27.58
CA PHE A 608 23.23 -20.60 28.92
C PHE A 608 22.53 -19.25 28.95
N GLY A 609 22.59 -18.48 27.85
CA GLY A 609 22.14 -17.10 27.91
C GLY A 609 20.65 -16.98 28.18
N ILE A 610 19.83 -17.75 27.46
CA ILE A 610 18.39 -17.66 27.64
C ILE A 610 17.99 -18.11 29.04
N TRP A 611 18.55 -19.22 29.50
CA TRP A 611 18.23 -19.71 30.84
C TRP A 611 18.64 -18.71 31.90
N TRP A 612 19.82 -18.11 31.75
CA TRP A 612 20.29 -17.13 32.72
C TRP A 612 19.40 -15.90 32.75
N GLU A 613 19.09 -15.34 31.57
CA GLU A 613 18.33 -14.09 31.52
C GLU A 613 16.90 -14.30 32.01
N THR A 614 16.27 -15.42 31.63
CA THR A 614 14.89 -15.66 32.03
C THR A 614 14.78 -16.15 33.48
N GLY A 615 15.81 -16.80 34.01
CA GLY A 615 15.75 -17.34 35.35
C GLY A 615 15.93 -16.28 36.42
N SER A 616 15.92 -16.74 37.67
CA SER A 616 16.07 -15.86 38.82
C SER A 616 17.51 -15.50 39.12
N GLY A 617 18.48 -16.20 38.52
CA GLY A 617 19.87 -15.86 38.74
C GLY A 617 20.22 -14.47 38.25
N CYS A 618 19.74 -14.11 37.06
CA CYS A 618 19.97 -12.76 36.56
C CYS A 618 19.29 -11.73 37.44
N LYS A 619 18.08 -12.03 37.92
CA LYS A 619 17.37 -11.11 38.78
C LYS A 619 18.13 -10.86 40.08
N VAL A 620 18.62 -11.92 40.71
CA VAL A 620 19.32 -11.75 41.99
C VAL A 620 20.66 -11.05 41.77
N ALA A 621 21.35 -11.37 40.67
CA ALA A 621 22.61 -10.69 40.40
C ALA A 621 22.39 -9.19 40.16
N GLY A 622 21.38 -8.84 39.39
CA GLY A 622 21.11 -7.43 39.15
C GLY A 622 20.68 -6.71 40.41
N PHE A 623 19.85 -7.35 41.23
CA PHE A 623 19.48 -6.74 42.51
C PHE A 623 20.69 -6.53 43.39
N LEU A 624 21.59 -7.51 43.45
CA LEU A 624 22.79 -7.37 44.26
C LEU A 624 23.63 -6.20 43.78
N ALA A 625 23.83 -6.09 42.46
CA ALA A 625 24.66 -5.01 41.93
C ALA A 625 24.06 -3.65 42.22
N VAL A 626 22.77 -3.48 41.90
CA VAL A 626 22.11 -2.18 42.10
C VAL A 626 22.09 -1.81 43.58
N PHE A 627 21.73 -2.77 44.44
CA PHE A 627 21.67 -2.51 45.87
C PHE A 627 23.02 -2.12 46.42
N SER A 628 24.09 -2.83 46.02
CA SER A 628 25.41 -2.52 46.53
C SER A 628 25.85 -1.12 46.08
N SER A 629 25.65 -0.79 44.81
CA SER A 629 26.06 0.52 44.33
C SER A 629 25.32 1.63 45.03
N GLU A 630 23.98 1.51 45.13
CA GLU A 630 23.19 2.56 45.75
C GLU A 630 23.50 2.69 47.24
N SER A 631 23.68 1.56 47.93
CA SER A 631 24.03 1.61 49.34
C SER A 631 25.39 2.27 49.55
N ALA A 632 26.36 1.97 48.69
CA ALA A 632 27.67 2.61 48.81
C ALA A 632 27.55 4.11 48.61
N ILE A 633 26.78 4.54 47.60
CA ILE A 633 26.64 5.97 47.35
C ILE A 633 25.99 6.67 48.54
N PHE A 634 24.89 6.10 49.05
CA PHE A 634 24.19 6.72 50.16
C PHE A 634 25.04 6.74 51.43
N LEU A 635 25.76 5.66 51.71
CA LEU A 635 26.65 5.61 52.86
C LEU A 635 27.76 6.64 52.75
N LEU A 636 28.30 6.84 51.54
CA LEU A 636 29.31 7.87 51.35
C LEU A 636 28.74 9.26 51.61
N MET A 637 27.51 9.50 51.14
CA MET A 637 26.85 10.78 51.44
C MET A 637 26.70 11.00 52.94
N LEU A 638 26.17 10.01 53.64
CA LEU A 638 26.01 10.16 55.08
C LEU A 638 27.35 10.32 55.80
N ALA A 639 28.40 9.69 55.27
CA ALA A 639 29.74 9.91 55.82
C ALA A 639 30.17 11.37 55.63
N THR A 640 29.88 11.94 54.47
CA THR A 640 30.21 13.35 54.25
C THR A 640 29.45 14.24 55.23
N VAL A 641 28.16 13.96 55.42
CA VAL A 641 27.35 14.76 56.35
C VAL A 641 27.90 14.64 57.77
N GLU A 642 28.27 13.41 58.18
CA GLU A 642 28.83 13.21 59.50
C GLU A 642 30.15 13.96 59.67
N ARG A 643 30.99 13.95 58.63
CA ARG A 643 32.24 14.70 58.70
C ARG A 643 32.00 16.19 58.82
N SER A 644 31.02 16.71 58.08
CA SER A 644 30.69 18.13 58.18
C SER A 644 30.20 18.48 59.58
N LEU A 645 29.34 17.63 60.16
CA LEU A 645 28.87 17.87 61.53
C LEU A 645 29.99 17.76 62.55
N SER A 646 30.92 16.83 62.38
CA SER A 646 32.06 16.73 63.28
C SER A 646 32.96 17.96 63.18
N ALA A 647 33.13 18.48 61.96
CA ALA A 647 33.85 19.75 61.80
C ALA A 647 33.14 20.89 62.49
N LYS A 648 31.80 20.91 62.41
CA LYS A 648 31.02 21.94 63.11
C LYS A 648 31.23 21.83 64.62
N ASP A 649 31.21 20.62 65.16
CA ASP A 649 31.39 20.41 66.59
C ASP A 649 32.60 19.53 66.87
N ASN A 657 28.03 12.14 69.37
CA ASN A 657 26.88 12.48 70.20
C ASN A 657 25.58 12.07 69.52
N HIS A 658 25.67 11.61 68.28
CA HIS A 658 24.52 11.23 67.48
C HIS A 658 24.70 9.80 66.96
N LEU A 659 25.14 8.90 67.83
CA LEU A 659 25.39 7.52 67.43
C LEU A 659 24.10 6.84 66.95
N LYS A 660 23.05 6.91 67.76
CA LYS A 660 21.79 6.28 67.39
C LYS A 660 21.18 6.95 66.16
N GLN A 661 21.28 8.28 66.09
CA GLN A 661 20.75 9.00 64.94
C GLN A 661 21.44 8.56 63.64
N PHE A 662 22.77 8.45 63.68
CA PHE A 662 23.50 8.05 62.48
C PHE A 662 23.25 6.58 62.16
N ARG A 663 23.08 5.73 63.17
CA ARG A 663 22.74 4.34 62.90
C ARG A 663 21.38 4.22 62.21
N VAL A 664 20.39 5.00 62.69
CA VAL A 664 19.08 5.00 62.06
C VAL A 664 19.17 5.53 60.64
N ALA A 665 19.96 6.58 60.43
CA ALA A 665 20.12 7.11 59.08
C ALA A 665 20.79 6.09 58.14
N ALA A 666 21.77 5.35 58.66
CA ALA A 666 22.42 4.31 57.86
C ALA A 666 21.44 3.20 57.49
N LEU A 667 20.59 2.80 58.45
CA LEU A 667 19.56 1.81 58.14
C LEU A 667 18.58 2.35 57.10
N LEU A 668 18.25 3.65 57.17
CA LEU A 668 17.39 4.26 56.17
C LEU A 668 18.04 4.21 54.79
N ALA A 669 19.35 4.48 54.73
CA ALA A 669 20.06 4.39 53.46
C ALA A 669 20.05 2.96 52.93
N PHE A 670 20.25 1.98 53.81
CA PHE A 670 20.22 0.58 53.39
C PHE A 670 18.85 0.20 52.83
N LEU A 671 17.77 0.60 53.51
CA LEU A 671 16.45 0.27 53.00
C LEU A 671 16.12 1.00 51.70
N GLY A 672 16.59 2.25 51.54
CA GLY A 672 16.42 2.93 50.26
C GLY A 672 17.15 2.21 49.14
N ALA A 673 18.37 1.76 49.40
CA ALA A 673 19.10 0.98 48.41
C ALA A 673 18.36 -0.31 48.08
N THR A 674 17.82 -0.97 49.10
CA THR A 674 17.09 -2.22 48.88
C THR A 674 15.86 -2.00 48.01
N VAL A 675 15.08 -0.95 48.28
CA VAL A 675 13.88 -0.71 47.49
C VAL A 675 14.26 -0.29 46.06
N ALA A 676 15.35 0.47 45.92
CA ALA A 676 15.82 0.82 44.58
C ALA A 676 16.21 -0.43 43.80
N GLY A 677 16.90 -1.37 44.45
CA GLY A 677 17.26 -2.61 43.78
C GLY A 677 16.06 -3.48 43.47
N CYS A 678 15.04 -3.45 44.33
CA CYS A 678 13.87 -4.29 44.14
C CYS A 678 12.87 -3.74 43.12
N PHE A 679 12.90 -2.44 42.85
CA PHE A 679 11.99 -1.86 41.87
C PHE A 679 12.05 -2.51 40.50
N PRO A 680 13.22 -2.87 39.94
CA PRO A 680 13.22 -3.58 38.65
C PRO A 680 12.43 -4.86 38.66
N LEU A 681 12.40 -5.58 39.78
CA LEU A 681 11.57 -6.79 39.85
C LEU A 681 10.09 -6.44 39.69
N PHE A 682 9.65 -5.34 40.28
CA PHE A 682 8.28 -4.87 40.05
C PHE A 682 8.07 -4.49 38.59
N HIS A 683 9.02 -3.80 37.99
CA HIS A 683 8.87 -3.35 36.61
C HIS A 683 9.07 -4.53 35.67
N ARG A 684 8.74 -4.33 34.39
CA ARG A 684 8.74 -5.39 33.39
C ARG A 684 10.10 -5.48 32.71
N GLY A 685 10.75 -6.63 32.87
CA GLY A 685 11.94 -6.96 32.09
C GLY A 685 13.09 -5.99 32.20
N GLU A 686 13.39 -5.52 33.41
CA GLU A 686 14.51 -4.60 33.58
C GLU A 686 15.85 -5.32 33.44
N TYR A 687 15.99 -6.49 34.07
CA TYR A 687 17.26 -7.20 34.13
C TYR A 687 17.50 -8.12 32.94
N SER A 688 16.52 -8.28 32.05
CA SER A 688 16.66 -9.17 30.91
C SER A 688 17.35 -8.52 29.73
N ALA A 689 17.73 -7.24 29.84
CA ALA A 689 18.35 -6.55 28.71
C ALA A 689 19.70 -7.16 28.35
N SER A 690 20.50 -7.51 29.35
CA SER A 690 21.84 -8.02 29.14
C SER A 690 22.12 -9.16 30.11
N PRO A 691 22.99 -10.10 29.73
CA PRO A 691 23.41 -11.13 30.71
C PRO A 691 24.16 -10.56 31.89
N LEU A 692 24.71 -9.35 31.78
CA LEU A 692 25.30 -8.70 32.93
C LEU A 692 24.25 -8.33 33.98
N CYS A 693 22.97 -8.32 33.61
CA CYS A 693 21.88 -8.02 34.52
C CYS A 693 21.99 -6.62 35.12
N LEU A 694 22.58 -5.70 34.37
CA LEU A 694 22.71 -4.32 34.82
C LEU A 694 21.68 -3.46 34.12
N PRO A 695 20.71 -2.89 34.84
CA PRO A 695 19.63 -2.18 34.14
C PRO A 695 20.04 -0.84 33.57
N PHE A 696 20.80 -0.03 34.31
CA PHE A 696 21.12 1.32 33.87
C PHE A 696 22.03 1.36 32.65
N PRO A 697 22.91 0.37 32.41
CA PRO A 697 23.47 0.25 31.05
C PRO A 697 22.42 -0.27 30.10
N THR A 698 21.90 0.60 29.24
CA THR A 698 20.69 0.30 28.49
C THR A 698 20.90 0.61 27.01
N GLY A 699 19.96 0.13 26.20
CA GLY A 699 20.02 0.31 24.77
C GLY A 699 19.48 1.66 24.31
N GLU A 700 19.53 1.86 23.00
CA GLU A 700 19.11 3.12 22.42
C GLU A 700 17.61 3.33 22.57
N THR A 701 16.82 2.29 22.35
CA THR A 701 15.37 2.42 22.29
C THR A 701 14.69 2.61 23.65
N PRO A 702 14.98 1.77 24.68
CA PRO A 702 14.20 1.86 25.93
C PRO A 702 14.26 3.22 26.61
N SER A 703 15.45 3.68 26.97
CA SER A 703 15.64 4.92 27.72
C SER A 703 14.69 5.00 28.90
N LEU A 704 14.88 4.06 29.82
CA LEU A 704 13.88 3.79 30.84
C LEU A 704 13.84 4.88 31.91
N GLY A 705 12.62 5.12 32.42
CA GLY A 705 12.47 6.06 33.52
C GLY A 705 13.27 5.64 34.75
N PHE A 706 13.31 4.34 35.05
CA PHE A 706 14.04 3.87 36.22
C PHE A 706 15.52 4.23 36.12
N THR A 707 16.16 3.91 34.99
CA THR A 707 17.58 4.21 34.84
C THR A 707 17.84 5.72 34.80
N VAL A 708 16.98 6.49 34.13
CA VAL A 708 17.25 7.93 34.08
C VAL A 708 17.09 8.55 35.46
N THR A 709 16.09 8.13 36.23
CA THR A 709 15.92 8.65 37.58
C THR A 709 17.09 8.26 38.48
N LEU A 710 17.57 7.02 38.38
CA LEU A 710 18.74 6.65 39.16
C LEU A 710 19.98 7.45 38.78
N VAL A 711 20.21 7.65 37.48
CA VAL A 711 21.39 8.41 37.05
C VAL A 711 21.30 9.85 37.57
N LEU A 712 20.12 10.47 37.44
CA LEU A 712 19.95 11.82 37.94
C LEU A 712 20.11 11.89 39.46
N LEU A 713 19.58 10.90 40.18
CA LEU A 713 19.70 10.89 41.63
C LEU A 713 21.17 10.80 42.04
N ASN A 714 21.92 9.90 41.42
CA ASN A 714 23.33 9.77 41.74
C ASN A 714 24.11 11.03 41.40
N SER A 715 23.80 11.65 40.25
CA SER A 715 24.50 12.86 39.85
C SER A 715 24.24 14.00 40.83
N LEU A 716 22.97 14.27 41.14
CA LEU A 716 22.66 15.33 42.09
C LEU A 716 23.22 15.01 43.47
N ALA A 717 23.27 13.73 43.83
CA ALA A 717 23.90 13.35 45.09
C ALA A 717 25.37 13.73 45.12
N PHE A 718 26.09 13.41 44.04
CA PHE A 718 27.49 13.79 43.96
C PHE A 718 27.68 15.30 44.01
N LEU A 719 26.82 16.04 43.31
CA LEU A 719 26.90 17.50 43.39
C LEU A 719 26.69 18.00 44.82
N LEU A 720 25.70 17.44 45.52
CA LEU A 720 25.44 17.88 46.90
C LEU A 720 26.63 17.61 47.81
N MET A 721 27.18 16.39 47.76
CA MET A 721 28.30 16.07 48.64
C MET A 721 29.53 16.89 48.26
N ALA A 722 29.73 17.12 46.97
CA ALA A 722 30.85 17.95 46.53
C ALA A 722 30.73 19.36 47.08
N VAL A 723 29.55 19.98 46.94
CA VAL A 723 29.43 21.37 47.36
C VAL A 723 29.52 21.49 48.87
N ILE A 724 28.97 20.52 49.61
CA ILE A 724 29.07 20.60 51.07
C ILE A 724 30.52 20.40 51.52
N TYR A 725 31.29 19.57 50.81
CA TYR A 725 32.67 19.39 51.22
C TYR A 725 33.54 20.58 50.82
N THR A 726 33.24 21.25 49.71
CA THR A 726 33.93 22.50 49.42
C THR A 726 33.57 23.58 50.44
N LYS A 727 32.33 23.58 50.93
CA LYS A 727 31.98 24.47 52.04
C LYS A 727 32.78 24.11 53.28
N LEU A 728 33.01 22.82 53.51
CA LEU A 728 33.85 22.40 54.63
C LEU A 728 35.27 22.93 54.49
N TYR A 729 35.84 22.87 53.29
CA TYR A 729 37.13 23.53 53.08
C TYR A 729 37.05 25.04 53.30
N CYS A 730 35.98 25.67 52.84
CA CYS A 730 35.87 27.12 52.99
C CYS A 730 35.85 27.54 54.45
N ASN A 731 35.13 26.79 55.28
CA ASN A 731 35.09 27.07 56.71
C ASN A 731 36.26 26.45 57.48
N LEU A 732 37.10 25.66 56.83
CA LEU A 732 38.26 25.04 57.47
C LEU A 732 39.50 25.45 56.69
N GLU A 733 40.17 26.52 57.12
CA GLU A 733 41.26 27.14 56.38
C GLU A 733 40.87 27.40 54.93
N GLU A 739 43.01 17.17 66.48
CA GLU A 739 42.38 17.31 65.17
C GLU A 739 43.10 16.50 64.12
N ASN A 740 44.22 15.88 64.51
CA ASN A 740 44.98 15.06 63.58
C ASN A 740 44.16 13.85 63.12
N SER A 741 43.47 13.20 64.04
CA SER A 741 42.58 12.11 63.65
C SER A 741 41.45 12.63 62.77
N GLN A 742 40.90 13.79 63.11
CA GLN A 742 39.86 14.40 62.28
C GLN A 742 40.39 14.73 60.89
N SER A 743 41.63 15.24 60.80
CA SER A 743 42.22 15.52 59.51
C SER A 743 42.41 14.25 58.69
N SER A 744 42.87 13.18 59.33
CA SER A 744 43.01 11.91 58.61
C SER A 744 41.67 11.40 58.12
N MET A 745 40.64 11.49 58.96
CA MET A 745 39.32 11.03 58.58
C MET A 745 38.76 11.82 57.41
N ILE A 746 38.89 13.15 57.45
CA ILE A 746 38.34 13.96 56.37
C ILE A 746 39.12 13.73 55.08
N LYS A 747 40.45 13.54 55.18
CA LYS A 747 41.23 13.25 53.99
C LYS A 747 40.84 11.91 53.38
N HIS A 748 40.64 10.89 54.21
CA HIS A 748 40.23 9.58 53.71
C HIS A 748 38.85 9.67 53.05
N VAL A 749 37.93 10.39 53.67
CA VAL A 749 36.59 10.54 53.09
C VAL A 749 36.67 11.29 51.77
N ALA A 750 37.50 12.34 51.69
CA ALA A 750 37.64 13.07 50.44
C ALA A 750 38.21 12.19 49.34
N TRP A 751 39.19 11.36 49.67
CA TRP A 751 39.75 10.44 48.68
C TRP A 751 38.69 9.45 48.20
N LEU A 752 37.87 8.94 49.13
CA LEU A 752 36.78 8.06 48.72
C LEU A 752 35.81 8.78 47.78
N ILE A 753 35.47 10.03 48.12
CA ILE A 753 34.56 10.82 47.29
C ILE A 753 35.13 10.99 45.89
N PHE A 754 36.41 11.37 45.81
CA PHE A 754 37.04 11.66 44.53
C PHE A 754 37.07 10.41 43.67
N THR A 755 37.47 9.29 44.26
CA THR A 755 37.53 8.02 43.53
C THR A 755 36.16 7.59 43.05
N ASN A 756 35.15 7.69 43.91
CA ASN A 756 33.80 7.24 43.54
C ASN A 756 33.23 8.12 42.42
N CYS A 757 33.44 9.43 42.49
CA CYS A 757 32.98 10.30 41.42
C CYS A 757 33.67 9.98 40.10
N ILE A 758 34.99 9.77 40.15
CA ILE A 758 35.71 9.42 38.93
C ILE A 758 35.17 8.14 38.33
N PHE A 759 34.93 7.12 39.15
CA PHE A 759 34.55 5.82 38.60
C PHE A 759 33.07 5.72 38.26
N PHE A 760 32.24 6.62 38.78
CA PHE A 760 30.85 6.62 38.35
C PHE A 760 30.63 7.48 37.12
N CYS A 761 31.52 8.45 36.86
CA CYS A 761 31.31 9.32 35.71
C CYS A 761 31.21 8.59 34.37
N PRO A 762 32.13 7.70 33.98
CA PRO A 762 32.01 7.06 32.66
C PRO A 762 30.77 6.20 32.51
N VAL A 763 30.36 5.50 33.57
CA VAL A 763 29.18 4.65 33.49
C VAL A 763 27.93 5.50 33.29
N ALA A 764 27.83 6.62 34.03
CA ALA A 764 26.71 7.53 33.82
C ALA A 764 26.73 8.13 32.42
N PHE A 765 27.92 8.44 31.91
CA PHE A 765 28.02 9.00 30.56
C PHE A 765 27.54 7.99 29.52
N PHE A 766 27.93 6.73 29.67
CA PHE A 766 27.48 5.70 28.73
C PHE A 766 26.00 5.40 28.88
N SER A 767 25.46 5.50 30.09
CA SER A 767 24.03 5.31 30.27
C SER A 767 23.24 6.45 29.64
N PHE A 768 23.76 7.67 29.69
CA PHE A 768 23.11 8.82 29.07
C PHE A 768 23.37 8.92 27.58
N ALA A 769 24.35 8.17 27.07
CA ALA A 769 24.67 8.23 25.65
C ALA A 769 23.52 7.84 24.72
N PRO A 770 22.75 6.76 24.98
CA PRO A 770 21.67 6.42 24.04
C PRO A 770 20.60 7.49 23.90
N LEU A 771 20.43 8.36 24.91
CA LEU A 771 19.42 9.40 24.83
C LEU A 771 19.74 10.46 23.79
N ILE A 772 20.99 10.54 23.33
CA ILE A 772 21.39 11.47 22.28
C ILE A 772 21.90 10.66 21.09
N THR A 773 21.37 10.96 19.91
CA THR A 773 21.72 10.19 18.70
C THR A 773 23.02 10.65 18.05
N ALA A 774 23.56 11.80 18.45
CA ALA A 774 24.77 12.32 17.83
C ALA A 774 25.97 11.41 18.09
N ILE A 775 26.09 10.89 19.30
CA ILE A 775 27.25 10.11 19.71
C ILE A 775 26.97 8.63 19.52
N SER A 776 27.90 7.93 18.89
CA SER A 776 27.81 6.48 18.68
C SER A 776 29.06 5.83 19.25
N ILE A 777 28.86 4.88 20.16
CA ILE A 777 29.95 4.18 20.84
C ILE A 777 29.79 2.69 20.64
N SER A 778 30.90 2.00 20.39
CA SER A 778 30.83 0.58 20.09
C SER A 778 30.36 -0.21 21.31
N PRO A 779 29.44 -1.16 21.12
CA PRO A 779 28.93 -1.93 22.27
C PRO A 779 30.00 -2.73 22.99
N GLU A 780 31.02 -3.23 22.27
CA GLU A 780 32.08 -3.96 22.94
C GLU A 780 32.83 -3.07 23.93
N ILE A 781 33.17 -1.85 23.51
CA ILE A 781 33.84 -0.92 24.41
C ILE A 781 32.92 -0.53 25.55
N MET A 782 31.63 -0.33 25.26
CA MET A 782 30.69 0.02 26.32
C MET A 782 30.64 -1.08 27.38
N LYS A 783 30.51 -2.33 26.96
CA LYS A 783 30.44 -3.45 27.89
C LYS A 783 31.73 -3.58 28.67
N SER A 784 32.88 -3.45 28.00
CA SER A 784 34.15 -3.58 28.69
C SER A 784 34.33 -2.49 29.75
N VAL A 785 34.03 -1.25 29.39
CA VAL A 785 34.19 -0.15 30.34
C VAL A 785 33.24 -0.32 31.51
N THR A 786 31.99 -0.71 31.25
CA THR A 786 31.05 -0.94 32.35
C THR A 786 31.55 -2.03 33.29
N LEU A 787 32.02 -3.15 32.72
CA LEU A 787 32.49 -4.25 33.56
C LEU A 787 33.74 -3.88 34.34
N ILE A 788 34.62 -3.04 33.79
CA ILE A 788 35.84 -2.69 34.49
C ILE A 788 35.63 -1.61 35.54
N PHE A 789 34.73 -0.66 35.30
CA PHE A 789 34.57 0.47 36.23
C PHE A 789 33.46 0.29 37.24
N PHE A 790 32.45 -0.55 36.98
CA PHE A 790 31.36 -0.67 37.93
C PHE A 790 31.80 -1.22 39.28
N PRO A 791 32.55 -2.33 39.37
CA PRO A 791 33.03 -2.79 40.69
C PRO A 791 34.36 -2.18 41.12
N LEU A 792 34.93 -1.28 40.33
CA LEU A 792 36.23 -0.72 40.66
C LEU A 792 36.24 0.04 41.98
N PRO A 793 35.26 0.91 42.30
CA PRO A 793 35.26 1.50 43.65
C PRO A 793 35.17 0.46 44.76
N ALA A 794 34.39 -0.59 44.53
CA ALA A 794 34.25 -1.64 45.55
C ALA A 794 35.56 -2.35 45.80
N CYS A 795 36.33 -2.63 44.74
CA CYS A 795 37.63 -3.28 44.92
C CYS A 795 38.72 -2.31 45.34
N LEU A 796 38.50 -1.00 45.22
CA LEU A 796 39.53 -0.03 45.54
C LEU A 796 39.44 0.55 46.94
N ASN A 797 38.23 0.85 47.44
CA ASN A 797 38.10 1.48 48.74
C ASN A 797 38.78 0.71 49.88
N PRO A 798 38.60 -0.61 50.02
CA PRO A 798 39.31 -1.31 51.11
C PRO A 798 40.81 -1.20 51.02
N VAL A 799 41.38 -1.15 49.81
CA VAL A 799 42.82 -0.98 49.67
C VAL A 799 43.25 0.34 50.28
N LEU A 800 42.52 1.42 49.97
CA LEU A 800 42.82 2.72 50.57
C LEU A 800 42.72 2.66 52.08
N TYR A 801 41.62 2.11 52.61
CA TYR A 801 41.45 2.10 54.05
C TYR A 801 42.53 1.27 54.76
N VAL A 802 42.92 0.14 54.18
CA VAL A 802 43.96 -0.70 54.75
C VAL A 802 45.33 -0.04 54.70
N PHE A 803 45.69 0.59 53.59
CA PHE A 803 47.07 1.04 53.40
C PHE A 803 47.34 2.45 53.88
N PHE A 804 46.36 3.35 53.88
CA PHE A 804 46.63 4.76 54.14
C PHE A 804 45.95 5.32 55.38
N ASN A 805 45.41 4.47 56.26
CA ASN A 805 44.76 4.97 57.46
C ASN A 805 45.39 4.33 58.69
N PRO A 806 45.98 5.11 59.60
CA PRO A 806 46.52 4.52 60.84
C PRO A 806 45.45 3.92 61.75
N LYS A 807 44.19 4.32 61.57
CA LYS A 807 43.11 3.71 62.34
C LYS A 807 43.04 2.21 62.08
N PHE A 808 43.25 1.81 60.83
CA PHE A 808 43.29 0.38 60.50
C PHE A 808 44.45 -0.31 61.21
N LYS A 809 45.61 0.35 61.30
CA LYS A 809 46.74 -0.24 62.00
C LYS A 809 46.41 -0.44 63.48
N GLU A 810 45.80 0.56 64.10
CA GLU A 810 45.41 0.42 65.51
C GLU A 810 44.40 -0.70 65.69
N ASP A 811 43.42 -0.79 64.79
CA ASP A 811 42.43 -1.86 64.89
C ASP A 811 43.06 -3.23 64.67
N TRP A 812 44.05 -3.31 63.79
CA TRP A 812 44.76 -4.57 63.57
C TRP A 812 45.55 -4.98 64.81
N LYS A 813 46.20 -4.01 65.46
CA LYS A 813 46.89 -4.31 66.72
C LYS A 813 45.90 -4.78 67.78
N LEU A 814 44.75 -4.13 67.87
CA LEU A 814 43.73 -4.54 68.84
C LEU A 814 43.23 -5.95 68.54
N LEU A 815 43.03 -6.27 67.26
CA LEU A 815 42.58 -7.61 66.89
C LEU A 815 43.63 -8.66 67.22
N LYS A 816 44.90 -8.34 66.98
CA LYS A 816 45.97 -9.27 67.34
C LYS A 816 46.02 -9.50 68.84
N ARG A 817 45.85 -8.43 69.64
CA ARG A 817 45.82 -8.59 71.08
C ARG A 817 44.61 -9.42 71.51
N ARG A 818 43.46 -9.23 70.87
CA ARG A 818 42.27 -9.98 71.21
C ARG A 818 42.45 -11.47 70.90
N VAL A 819 42.98 -11.79 69.72
CA VAL A 819 43.14 -13.20 69.36
C VAL A 819 44.24 -13.85 70.18
N THR A 820 45.26 -13.09 70.58
CA THR A 820 46.32 -13.62 71.42
C THR A 820 45.98 -13.50 72.89
N VAL B 2 -32.50 24.55 -50.07
CA VAL B 2 -33.04 25.90 -50.01
C VAL B 2 -31.90 26.92 -50.01
N GLN B 3 -32.24 28.18 -50.23
CA GLN B 3 -31.28 29.27 -50.27
C GLN B 3 -31.66 30.34 -49.27
N LEU B 4 -30.69 30.75 -48.45
CA LEU B 4 -30.89 31.80 -47.46
C LEU B 4 -29.82 32.86 -47.67
N VAL B 5 -30.25 34.11 -47.84
CA VAL B 5 -29.34 35.23 -48.09
C VAL B 5 -29.56 36.29 -47.02
N GLU B 6 -28.48 36.72 -46.36
CA GLU B 6 -28.54 37.75 -45.36
C GLU B 6 -28.33 39.11 -46.00
N SER B 7 -29.19 40.07 -45.65
CA SER B 7 -29.10 41.41 -46.21
C SER B 7 -29.30 42.47 -45.13
N SER B 30 -28.54 51.99 -34.52
CA SER B 30 -29.24 50.71 -34.63
C SER B 30 -29.06 50.11 -36.03
N LEU B 31 -28.83 48.81 -36.08
CA LEU B 31 -28.63 48.09 -37.33
C LEU B 31 -29.60 46.93 -37.41
N ARG B 32 -30.33 46.86 -38.52
CA ARG B 32 -31.27 45.77 -38.76
C ARG B 32 -30.82 44.97 -39.96
N LEU B 33 -30.86 43.65 -39.83
CA LEU B 33 -30.51 42.74 -40.91
C LEU B 33 -31.64 41.73 -41.12
N SER B 34 -31.91 41.43 -42.38
CA SER B 34 -33.04 40.59 -42.76
C SER B 34 -32.51 39.41 -43.57
N CYS B 35 -32.84 38.20 -43.12
CA CYS B 35 -32.53 36.98 -43.85
C CYS B 35 -33.70 36.59 -44.73
N ALA B 36 -33.49 36.60 -46.05
CA ALA B 36 -34.50 36.23 -47.02
C ALA B 36 -34.23 34.80 -47.49
N ALA B 37 -35.25 33.95 -47.37
CA ALA B 37 -35.14 32.55 -47.77
C ALA B 37 -36.40 32.16 -48.51
N SER B 38 -36.28 31.98 -49.84
CA SER B 38 -37.40 31.56 -50.67
C SER B 38 -37.33 30.10 -51.07
N GLY B 39 -36.32 29.36 -50.58
CA GLY B 39 -36.19 27.98 -50.97
C GLY B 39 -37.31 27.09 -50.48
N TYR B 40 -37.72 27.25 -49.23
CA TYR B 40 -38.73 26.38 -48.64
C TYR B 40 -40.11 26.67 -49.24
N THR B 41 -40.88 25.60 -49.43
CA THR B 41 -42.27 25.77 -49.88
C THR B 41 -43.13 26.36 -48.78
N TYR B 42 -43.01 25.84 -47.56
CA TYR B 42 -43.68 26.38 -46.39
C TYR B 42 -42.63 26.66 -45.32
N SER B 43 -42.97 27.54 -44.38
CA SER B 43 -42.03 27.99 -43.37
C SER B 43 -41.64 26.85 -42.43
N PRO B 44 -40.36 26.51 -42.35
CA PRO B 44 -39.92 25.46 -41.42
C PRO B 44 -39.99 25.96 -39.99
N TYR B 45 -40.00 25.01 -39.05
CA TYR B 45 -40.01 25.39 -37.65
C TYR B 45 -38.58 25.52 -37.14
N CYS B 46 -38.45 26.06 -35.93
CA CYS B 46 -37.17 26.26 -35.24
C CYS B 46 -36.10 26.84 -36.18
N MET B 47 -36.38 28.03 -36.68
CA MET B 47 -35.49 28.75 -37.57
C MET B 47 -34.83 29.86 -36.76
N GLY B 48 -33.52 30.02 -36.91
CA GLY B 48 -32.82 30.91 -36.01
C GLY B 48 -31.60 31.58 -36.61
N TRP B 49 -30.93 32.36 -35.77
CA TRP B 49 -29.73 33.09 -36.10
C TRP B 49 -28.58 32.63 -35.21
N PHE B 50 -27.35 32.84 -35.70
CA PHE B 50 -26.18 32.44 -34.96
C PHE B 50 -25.09 33.49 -35.13
N ARG B 51 -24.27 33.65 -34.10
CA ARG B 51 -23.09 34.51 -34.15
C ARG B 51 -21.86 33.64 -34.01
N GLN B 52 -20.88 33.84 -34.90
CA GLN B 52 -19.65 33.09 -34.87
C GLN B 52 -18.50 34.03 -34.54
N ALA B 53 -17.85 33.79 -33.39
CA ALA B 53 -16.63 34.50 -33.07
C ALA B 53 -15.53 34.08 -34.02
N PRO B 54 -14.56 34.96 -34.29
CA PRO B 54 -13.50 34.61 -35.26
C PRO B 54 -12.67 33.44 -34.77
N GLY B 55 -12.73 32.34 -35.50
CA GLY B 55 -12.04 31.11 -35.13
C GLY B 55 -12.56 30.46 -33.88
N LYS B 56 -13.87 30.54 -33.64
CA LYS B 56 -14.49 29.92 -32.47
C LYS B 56 -15.83 29.33 -32.89
N ALA B 57 -16.51 28.69 -31.94
CA ALA B 57 -17.81 28.09 -32.20
C ALA B 57 -18.87 29.19 -32.38
N ARG B 58 -19.99 28.80 -32.97
CA ARG B 58 -21.11 29.70 -33.20
C ARG B 58 -22.24 29.40 -32.23
N GLU B 59 -22.77 30.43 -31.60
CA GLU B 59 -23.83 30.31 -30.61
C GLU B 59 -25.11 30.95 -31.12
N GLY B 60 -26.24 30.40 -30.68
CA GLY B 60 -27.53 30.89 -31.12
C GLY B 60 -28.02 32.11 -30.39
N VAL B 61 -27.96 33.27 -31.06
CA VAL B 61 -28.45 34.51 -30.44
C VAL B 61 -29.97 34.47 -30.30
N ALA B 62 -30.66 33.91 -31.29
CA ALA B 62 -32.11 33.88 -31.27
C ALA B 62 -32.61 32.74 -32.15
N THR B 63 -33.83 32.29 -31.85
CA THR B 63 -34.50 31.31 -32.69
C THR B 63 -36.00 31.41 -32.45
N VAL B 64 -36.79 31.01 -33.44
CA VAL B 64 -38.25 31.07 -33.37
C VAL B 64 -38.81 29.75 -33.86
N ASP B 65 -39.87 29.30 -33.20
CA ASP B 65 -40.54 28.06 -33.60
C ASP B 65 -41.62 28.34 -34.64
N LEU B 66 -42.27 27.28 -35.10
CA LEU B 66 -43.38 27.42 -36.04
C LEU B 66 -44.54 28.20 -35.42
N ASP B 67 -44.85 27.88 -34.16
CA ASP B 67 -45.95 28.57 -33.48
C ASP B 67 -45.64 30.06 -33.31
N GLY B 68 -44.40 30.39 -32.94
CA GLY B 68 -44.03 31.77 -32.75
C GLY B 68 -43.22 32.01 -31.49
N SER B 69 -43.02 30.95 -30.70
CA SER B 69 -42.23 31.07 -29.49
C SER B 69 -40.77 31.38 -29.83
N THR B 70 -40.19 32.31 -29.08
CA THR B 70 -38.83 32.77 -29.34
C THR B 70 -37.92 32.41 -28.17
N ILE B 71 -36.71 31.99 -28.51
CA ILE B 71 -35.70 31.62 -27.51
C ILE B 71 -34.43 32.42 -27.80
N TYR B 72 -33.89 33.04 -26.76
CA TYR B 72 -32.66 33.82 -26.84
C TYR B 72 -31.65 33.27 -25.83
N ALA B 73 -30.46 33.85 -25.84
CA ALA B 73 -29.44 33.53 -24.84
C ALA B 73 -29.55 34.50 -23.67
N ASP B 74 -29.40 33.96 -22.46
CA ASP B 74 -29.67 34.76 -21.26
C ASP B 74 -28.72 35.95 -21.15
N SER B 75 -27.44 35.75 -21.43
CA SER B 75 -26.49 36.85 -21.40
C SER B 75 -26.60 37.74 -22.63
N VAL B 76 -26.98 37.15 -23.77
CA VAL B 76 -27.08 37.93 -25.01
C VAL B 76 -28.44 38.62 -25.09
N LYS B 77 -29.42 38.19 -24.28
CA LYS B 77 -30.73 38.82 -24.30
C LYS B 77 -30.60 40.32 -23.99
N GLY B 78 -31.24 41.13 -24.82
CA GLY B 78 -31.13 42.57 -24.68
C GLY B 78 -32.14 43.33 -25.51
N ARG B 79 -31.67 44.40 -26.16
CA ARG B 79 -32.58 45.27 -26.91
C ARG B 79 -33.16 44.58 -28.14
N PHE B 80 -32.45 43.61 -28.71
CA PHE B 80 -32.83 43.05 -29.99
C PHE B 80 -33.80 41.88 -29.81
N THR B 81 -34.67 41.70 -30.81
CA THR B 81 -35.60 40.59 -30.86
C THR B 81 -35.71 40.10 -32.30
N ILE B 82 -36.15 38.86 -32.45
CA ILE B 82 -36.34 38.23 -33.76
C ILE B 82 -37.80 38.44 -34.17
N SER B 83 -38.03 38.59 -35.47
CA SER B 83 -39.39 38.64 -35.99
C SER B 83 -39.45 37.91 -37.32
N GLN B 84 -40.45 37.04 -37.47
CA GLN B 84 -40.62 36.28 -38.70
C GLN B 84 -42.07 36.34 -39.13
N ASP B 85 -42.29 36.54 -40.42
CA ASP B 85 -43.62 36.56 -41.01
C ASP B 85 -43.66 35.62 -42.21
N ASN B 86 -44.72 34.81 -42.27
CA ASN B 86 -44.84 33.83 -43.35
C ASN B 86 -44.99 34.52 -44.71
N ALA B 87 -45.81 35.57 -44.78
CA ALA B 87 -45.98 36.29 -46.03
C ALA B 87 -44.69 36.95 -46.48
N LYS B 88 -43.96 37.55 -45.54
CA LYS B 88 -42.70 38.21 -45.88
C LYS B 88 -41.60 37.22 -46.24
N ASN B 89 -41.59 36.05 -45.58
CA ASN B 89 -40.53 35.06 -45.72
C ASN B 89 -39.16 35.62 -45.38
N THR B 90 -39.12 36.69 -44.58
CA THR B 90 -37.87 37.35 -44.21
C THR B 90 -37.78 37.43 -42.70
N LEU B 91 -36.65 37.02 -42.15
CA LEU B 91 -36.40 37.09 -40.71
C LEU B 91 -35.72 38.41 -40.40
N TYR B 92 -36.38 39.25 -39.60
CA TYR B 92 -35.87 40.57 -39.25
C TYR B 92 -35.23 40.49 -37.88
N LEU B 93 -33.97 40.93 -37.78
CA LEU B 93 -33.26 41.05 -36.52
C LEU B 93 -32.70 42.47 -36.44
N GLN B 94 -33.28 43.29 -35.58
CA GLN B 94 -32.84 44.66 -35.40
C GLN B 94 -32.18 44.82 -34.04
N MET B 95 -30.99 45.42 -34.03
CA MET B 95 -30.22 45.65 -32.82
C MET B 95 -30.13 47.15 -32.58
N ASN B 96 -30.45 47.57 -31.36
CA ASN B 96 -30.26 48.95 -30.96
C ASN B 96 -29.39 48.98 -29.71
N SER B 97 -28.62 50.06 -29.57
CA SER B 97 -27.60 50.16 -28.53
C SER B 97 -26.62 48.99 -28.62
N LEU B 98 -26.05 48.82 -29.80
CA LEU B 98 -25.07 47.77 -30.02
C LEU B 98 -23.79 48.04 -29.23
N LYS B 99 -23.03 46.98 -28.99
CA LYS B 99 -21.86 47.08 -28.13
C LYS B 99 -20.62 46.59 -28.86
N PRO B 100 -19.45 47.16 -28.56
CA PRO B 100 -18.21 46.75 -29.26
C PRO B 100 -17.88 45.28 -29.08
N GLU B 101 -18.27 44.68 -27.97
CA GLU B 101 -18.01 43.27 -27.72
C GLU B 101 -19.05 42.36 -28.36
N ASP B 102 -19.99 42.92 -29.13
CA ASP B 102 -21.05 42.16 -29.77
C ASP B 102 -20.72 41.86 -31.22
N THR B 103 -19.79 42.59 -31.82
CA THR B 103 -19.54 42.49 -33.25
C THR B 103 -18.89 41.16 -33.61
N ALA B 104 -19.47 40.50 -34.61
CA ALA B 104 -19.01 39.21 -35.14
C ALA B 104 -19.76 38.95 -36.43
N MET B 105 -19.64 37.73 -36.95
CA MET B 105 -20.34 37.33 -38.17
C MET B 105 -21.66 36.65 -37.80
N TYR B 106 -22.73 37.06 -38.46
CA TYR B 106 -24.07 36.57 -38.17
C TYR B 106 -24.58 35.72 -39.34
N TYR B 107 -25.09 34.53 -39.02
CA TYR B 107 -25.60 33.59 -39.99
C TYR B 107 -27.12 33.46 -39.85
N CYS B 108 -27.71 32.55 -40.62
CA CYS B 108 -29.16 32.38 -40.67
C CYS B 108 -29.45 30.93 -41.03
N ALA B 109 -29.93 30.15 -40.05
CA ALA B 109 -30.11 28.72 -40.21
C ALA B 109 -31.57 28.33 -40.08
N SER B 110 -31.94 27.25 -40.77
CA SER B 110 -33.31 26.76 -40.83
C SER B 110 -33.32 25.25 -40.61
N ARG B 111 -34.52 24.69 -40.44
CA ARG B 111 -34.66 23.26 -40.20
C ARG B 111 -36.08 22.85 -40.61
N THR B 112 -36.19 22.11 -41.71
CA THR B 112 -37.49 21.71 -42.23
C THR B 112 -38.01 20.41 -41.64
N ARG B 113 -37.14 19.40 -41.56
CA ARG B 113 -37.57 18.07 -41.12
C ARG B 113 -38.03 18.10 -39.66
N ALA B 114 -39.02 17.26 -39.36
CA ALA B 114 -39.63 17.20 -38.04
C ALA B 114 -39.03 16.06 -37.22
N GLY B 115 -39.10 16.21 -35.90
CA GLY B 115 -38.66 15.16 -35.00
C GLY B 115 -37.56 15.54 -34.03
N VAL B 116 -37.45 16.82 -33.70
CA VAL B 116 -36.43 17.29 -32.77
C VAL B 116 -36.97 18.51 -32.04
N THR B 117 -36.48 18.72 -30.82
CA THR B 117 -36.87 19.87 -30.02
C THR B 117 -36.13 21.12 -30.47
N CYS B 118 -36.75 22.28 -30.27
CA CYS B 118 -36.12 23.54 -30.62
C CYS B 118 -34.98 23.85 -29.65
N GLY B 119 -33.92 24.47 -30.16
CA GLY B 119 -32.79 24.80 -29.33
C GLY B 119 -31.88 25.80 -30.03
N LEU B 120 -30.74 26.05 -29.39
CA LEU B 120 -29.76 27.00 -29.88
C LEU B 120 -28.46 26.33 -30.32
N ASN B 121 -28.46 25.02 -30.53
CA ASN B 121 -27.28 24.31 -31.00
C ASN B 121 -27.30 24.20 -32.52
N TRP B 122 -26.10 24.19 -33.11
CA TRP B 122 -25.98 24.17 -34.56
C TRP B 122 -26.30 22.81 -35.16
N ALA B 123 -26.28 21.74 -34.36
CA ALA B 123 -26.42 20.39 -34.91
C ALA B 123 -27.80 20.18 -35.51
N ILE B 124 -28.86 20.66 -34.86
CA ILE B 124 -30.21 20.34 -35.31
C ILE B 124 -30.53 21.02 -36.64
N PHE B 125 -29.94 22.18 -36.89
CA PHE B 125 -30.28 22.93 -38.10
C PHE B 125 -29.71 22.23 -39.34
N SER B 126 -30.44 22.36 -40.46
CA SER B 126 -30.10 21.64 -41.68
C SER B 126 -29.57 22.53 -42.80
N TYR B 127 -29.89 23.82 -42.80
CA TYR B 127 -29.45 24.73 -43.85
C TYR B 127 -28.88 25.99 -43.23
N TRP B 128 -27.96 26.62 -43.97
CA TRP B 128 -27.29 27.82 -43.49
C TRP B 128 -27.13 28.81 -44.63
N GLY B 129 -26.94 30.07 -44.27
CA GLY B 129 -26.70 31.14 -45.22
C GLY B 129 -25.23 31.44 -45.37
N GLN B 130 -24.94 32.67 -45.80
CA GLN B 130 -23.57 33.13 -45.99
C GLN B 130 -23.02 33.86 -44.78
N GLY B 131 -23.82 34.75 -44.18
CA GLY B 131 -23.37 35.51 -43.03
C GLY B 131 -23.11 36.96 -43.36
N THR B 132 -23.02 37.81 -42.33
CA THR B 132 -22.79 39.23 -42.53
C THR B 132 -22.03 39.77 -41.33
N GLN B 133 -21.09 40.67 -41.59
CA GLN B 133 -20.38 41.36 -40.52
C GLN B 133 -21.21 42.54 -40.02
N VAL B 134 -20.90 42.98 -38.80
CA VAL B 134 -21.57 44.13 -38.20
C VAL B 134 -20.51 45.08 -37.67
N THR B 135 -20.87 46.36 -37.61
CA THR B 135 -19.97 47.42 -37.16
C THR B 135 -20.57 48.10 -35.93
N VAL B 136 -19.70 48.68 -35.10
CA VAL B 136 -20.12 49.34 -33.88
C VAL B 136 -19.76 50.81 -33.97
N SER B 137 -20.46 51.61 -33.16
CA SER B 137 -20.25 53.06 -33.13
C SER B 137 -19.84 53.52 -31.74
N GLN C 23 -14.88 -5.93 -27.85
CA GLN C 23 -14.15 -7.00 -28.52
C GLN C 23 -12.93 -6.45 -29.24
N VAL C 24 -11.75 -6.88 -28.81
CA VAL C 24 -10.49 -6.42 -29.37
C VAL C 24 -9.76 -7.61 -30.00
N GLN C 25 -9.15 -7.40 -31.16
CA GLN C 25 -8.42 -8.47 -31.83
C GLN C 25 -7.10 -8.74 -31.12
N LEU C 26 -6.40 -7.69 -30.71
CA LEU C 26 -5.20 -7.78 -29.86
C LEU C 26 -4.11 -8.61 -30.55
N GLN C 27 -3.58 -8.04 -31.63
CA GLN C 27 -2.60 -8.69 -32.48
C GLN C 27 -1.20 -8.25 -32.07
N GLU C 28 -0.35 -9.19 -31.68
CA GLU C 28 1.00 -8.83 -31.23
C GLU C 28 2.04 -9.26 -32.26
N SER C 29 3.12 -8.52 -32.31
CA SER C 29 4.26 -8.78 -33.19
C SER C 29 5.55 -8.42 -32.47
N GLY C 30 6.67 -8.70 -33.13
CA GLY C 30 7.98 -8.50 -32.56
C GLY C 30 8.49 -9.73 -31.84
N GLY C 31 9.80 -9.75 -31.61
CA GLY C 31 10.42 -10.83 -30.88
C GLY C 31 10.96 -11.95 -31.74
N GLY C 32 12.09 -12.51 -31.34
CA GLY C 32 12.69 -13.58 -32.09
C GLY C 32 13.89 -14.15 -31.37
N SER C 33 14.68 -14.93 -32.10
CA SER C 33 15.87 -15.52 -31.52
C SER C 33 16.93 -14.45 -31.27
N VAL C 34 17.28 -14.27 -30.00
CA VAL C 34 18.29 -13.28 -29.60
C VAL C 34 19.21 -13.93 -28.58
N GLN C 35 20.50 -13.62 -28.69
CA GLN C 35 21.48 -14.20 -27.79
C GLN C 35 21.35 -13.60 -26.39
N ALA C 36 21.98 -14.26 -25.42
CA ALA C 36 21.89 -13.83 -24.03
C ALA C 36 22.51 -12.44 -23.86
N GLY C 37 21.95 -11.68 -22.93
CA GLY C 37 22.40 -10.34 -22.67
C GLY C 37 21.86 -9.28 -23.61
N GLY C 38 20.99 -9.65 -24.55
CA GLY C 38 20.44 -8.71 -25.50
C GLY C 38 19.16 -8.06 -25.00
N SER C 39 18.62 -7.19 -25.85
CA SER C 39 17.39 -6.47 -25.57
C SER C 39 16.39 -6.74 -26.68
N LEU C 40 15.11 -6.88 -26.31
CA LEU C 40 14.09 -7.24 -27.28
C LEU C 40 12.80 -6.49 -26.97
N ARG C 41 12.13 -6.01 -28.03
CA ARG C 41 10.93 -5.21 -27.89
C ARG C 41 9.76 -5.90 -28.57
N LEU C 42 8.66 -6.07 -27.83
CA LEU C 42 7.43 -6.65 -28.36
C LEU C 42 6.35 -5.58 -28.41
N SER C 43 5.55 -5.61 -29.47
CA SER C 43 4.43 -4.68 -29.61
C SER C 43 3.14 -5.48 -29.72
N CYS C 44 2.04 -4.87 -29.30
CA CYS C 44 0.73 -5.49 -29.37
C CYS C 44 -0.30 -4.40 -29.71
N ALA C 45 -0.85 -4.46 -30.92
CA ALA C 45 -1.81 -3.48 -31.40
C ALA C 45 -3.20 -4.09 -31.37
N ALA C 46 -4.12 -3.42 -30.68
CA ALA C 46 -5.51 -3.81 -30.69
C ALA C 46 -6.21 -3.23 -31.91
N SER C 47 -7.17 -3.98 -32.45
CA SER C 47 -7.76 -3.63 -33.74
C SER C 47 -9.28 -3.48 -33.66
N GLY C 48 -9.89 -4.05 -32.63
CA GLY C 48 -11.34 -4.06 -32.56
C GLY C 48 -11.92 -2.90 -31.79
N TYR C 49 -12.48 -3.18 -30.61
CA TYR C 49 -13.06 -2.12 -29.79
C TYR C 49 -12.00 -1.11 -29.37
N THR C 50 -10.88 -1.58 -28.83
CA THR C 50 -9.73 -0.74 -28.46
C THR C 50 -10.14 0.32 -27.43
N TYR C 51 -10.56 -0.18 -26.27
CA TYR C 51 -10.89 0.69 -25.15
C TYR C 51 -9.62 1.04 -24.39
N SER C 52 -9.34 2.34 -24.27
CA SER C 52 -8.10 2.82 -23.70
C SER C 52 -8.16 3.00 -22.18
N ARG C 53 -9.10 2.35 -21.51
CA ARG C 53 -9.28 2.49 -20.07
C ARG C 53 -9.40 1.13 -19.37
N THR C 54 -8.54 0.18 -19.72
CA THR C 54 -8.61 -1.13 -19.11
C THR C 54 -7.20 -1.63 -18.80
N CYS C 55 -7.12 -2.65 -17.96
CA CYS C 55 -5.85 -3.28 -17.65
C CYS C 55 -5.31 -3.98 -18.89
N MET C 56 -3.98 -3.92 -19.05
CA MET C 56 -3.29 -4.62 -20.12
C MET C 56 -2.07 -5.30 -19.51
N ALA C 57 -1.78 -6.52 -19.98
CA ALA C 57 -0.74 -7.31 -19.34
C ALA C 57 0.00 -8.16 -20.35
N TRP C 58 1.20 -8.58 -19.97
CA TRP C 58 2.00 -9.52 -20.73
C TRP C 58 2.13 -10.82 -19.94
N PHE C 59 1.96 -11.94 -20.62
CA PHE C 59 2.00 -13.26 -20.01
C PHE C 59 3.05 -14.11 -20.71
N ARG C 60 3.82 -14.86 -19.93
CA ARG C 60 4.86 -15.73 -20.43
C ARG C 60 4.42 -17.18 -20.25
N GLN C 61 4.51 -17.95 -21.32
CA GLN C 61 4.18 -19.36 -21.38
C GLN C 61 5.49 -20.12 -21.55
N ALA C 62 5.96 -20.75 -20.47
CA ALA C 62 7.19 -21.51 -20.54
C ALA C 62 6.93 -22.87 -21.19
N PRO C 63 7.94 -23.49 -21.79
CA PRO C 63 7.76 -24.83 -22.36
C PRO C 63 7.52 -25.88 -21.28
N GLY C 64 6.30 -26.42 -21.23
CA GLY C 64 5.93 -27.40 -20.24
C GLY C 64 5.29 -26.84 -18.99
N LYS C 65 5.36 -25.54 -18.76
CA LYS C 65 4.76 -24.88 -17.62
C LYS C 65 3.47 -24.19 -18.04
N GLU C 66 2.90 -23.39 -17.15
CA GLU C 66 1.67 -22.66 -17.42
C GLU C 66 1.95 -21.17 -17.57
N ARG C 67 0.96 -20.45 -18.10
CA ARG C 67 1.09 -19.01 -18.29
C ARG C 67 1.25 -18.30 -16.95
N GLU C 68 2.15 -17.32 -16.91
CA GLU C 68 2.34 -16.49 -15.73
C GLU C 68 2.47 -15.03 -16.17
N GLY C 69 1.82 -14.13 -15.44
CA GLY C 69 1.91 -12.72 -15.76
C GLY C 69 3.28 -12.17 -15.40
N ILE C 70 3.78 -11.24 -16.21
CA ILE C 70 5.07 -10.63 -15.96
C ILE C 70 5.03 -9.11 -15.87
N ALA C 71 4.02 -8.45 -16.45
CA ALA C 71 3.94 -7.01 -16.40
C ALA C 71 2.50 -6.59 -16.63
N THR C 72 1.99 -5.71 -15.77
CA THR C 72 0.63 -5.20 -15.88
C THR C 72 0.64 -3.68 -15.74
N ILE C 73 -0.28 -3.03 -16.45
CA ILE C 73 -0.37 -1.57 -16.47
C ILE C 73 -1.83 -1.17 -16.33
N ASN C 74 -2.09 -0.13 -15.54
CA ASN C 74 -3.42 0.40 -15.38
C ASN C 74 -3.77 1.36 -16.52
N SER C 75 -5.00 1.88 -16.47
CA SER C 75 -5.40 2.92 -17.41
C SER C 75 -4.61 4.20 -17.17
N ASP C 76 -4.39 4.55 -15.90
CA ASP C 76 -3.62 5.74 -15.56
C ASP C 76 -2.17 5.60 -16.02
N GLY C 77 -1.57 4.43 -15.80
CA GLY C 77 -0.19 4.22 -16.15
C GLY C 77 0.61 3.52 -15.07
N THR C 78 -0.02 3.26 -13.93
CA THR C 78 0.63 2.55 -12.85
C THR C 78 1.01 1.15 -13.29
N THR C 79 2.22 0.72 -12.93
CA THR C 79 2.81 -0.50 -13.47
C THR C 79 3.22 -1.44 -12.35
N THR C 80 2.94 -2.73 -12.54
CA THR C 80 3.40 -3.78 -11.64
C THR C 80 4.16 -4.83 -12.46
N TYR C 81 5.19 -5.42 -11.85
CA TYR C 81 6.00 -6.44 -12.49
C TYR C 81 6.06 -7.69 -11.62
N ALA C 82 6.34 -8.82 -12.24
CA ALA C 82 6.64 -10.03 -11.50
C ALA C 82 8.04 -9.93 -10.89
N ASP C 83 8.23 -10.64 -9.77
CA ASP C 83 9.51 -10.57 -9.06
C ASP C 83 10.67 -11.11 -9.90
N SER C 84 10.41 -11.99 -10.86
CA SER C 84 11.48 -12.57 -11.64
C SER C 84 12.02 -11.59 -12.68
N VAL C 85 11.24 -10.57 -13.04
CA VAL C 85 11.64 -9.65 -14.11
C VAL C 85 11.53 -8.21 -13.63
N LYS C 86 11.22 -8.01 -12.35
CA LYS C 86 11.06 -6.66 -11.83
C LYS C 86 12.37 -5.89 -11.97
N GLY C 87 12.27 -4.67 -12.51
CA GLY C 87 13.43 -3.86 -12.78
C GLY C 87 14.17 -4.23 -14.05
N ARG C 88 13.78 -5.32 -14.72
CA ARG C 88 14.44 -5.77 -15.94
C ARG C 88 13.58 -5.59 -17.18
N PHE C 89 12.25 -5.65 -17.04
CA PHE C 89 11.34 -5.41 -18.15
C PHE C 89 10.67 -4.05 -17.96
N THR C 90 10.01 -3.58 -19.02
CA THR C 90 9.33 -2.29 -18.97
C THR C 90 8.12 -2.35 -19.90
N ILE C 91 6.92 -2.21 -19.33
CA ILE C 91 5.69 -2.16 -20.11
C ILE C 91 5.28 -0.70 -20.29
N SER C 92 4.71 -0.39 -21.45
CA SER C 92 4.27 0.97 -21.74
C SER C 92 3.09 0.92 -22.69
N ARG C 93 2.04 1.69 -22.36
CA ARG C 93 0.83 1.73 -23.17
C ARG C 93 0.74 3.08 -23.86
N ASP C 94 0.60 3.08 -25.18
CA ASP C 94 0.41 4.29 -25.98
C ASP C 94 -1.01 4.20 -26.53
N ASN C 95 -1.96 4.73 -25.77
CA ASN C 95 -3.37 4.68 -26.16
C ASN C 95 -3.70 5.66 -27.29
N ALA C 96 -2.81 6.60 -27.59
CA ALA C 96 -3.02 7.47 -28.75
C ALA C 96 -2.98 6.66 -30.03
N LYS C 97 -2.01 5.75 -30.14
CA LYS C 97 -1.91 4.83 -31.27
C LYS C 97 -2.50 3.46 -30.96
N ASN C 98 -3.06 3.27 -29.76
CA ASN C 98 -3.72 2.02 -29.38
C ASN C 98 -2.75 0.85 -29.42
N THR C 99 -1.63 0.98 -28.72
CA THR C 99 -0.60 -0.04 -28.69
C THR C 99 -0.12 -0.29 -27.28
N LEU C 100 0.38 -1.50 -27.05
CA LEU C 100 1.08 -1.87 -25.84
C LEU C 100 2.47 -2.34 -26.23
N SER C 101 3.46 -2.11 -25.35
CA SER C 101 4.83 -2.42 -25.67
C SER C 101 5.54 -2.98 -24.45
N LEU C 102 6.41 -3.95 -24.70
CA LEU C 102 7.25 -4.54 -23.66
C LEU C 102 8.69 -4.49 -24.10
N GLN C 103 9.55 -3.86 -23.29
CA GLN C 103 10.98 -3.77 -23.55
C GLN C 103 11.69 -4.67 -22.56
N MET C 104 12.59 -5.52 -23.07
CA MET C 104 13.37 -6.43 -22.24
C MET C 104 14.84 -6.13 -22.42
N ASN C 105 15.58 -6.12 -21.32
CA ASN C 105 17.02 -5.91 -21.33
C ASN C 105 17.71 -7.05 -20.61
N SER C 106 18.89 -7.42 -21.10
CA SER C 106 19.70 -8.48 -20.51
C SER C 106 18.90 -9.78 -20.41
N LEU C 107 18.53 -10.32 -21.57
CA LEU C 107 17.72 -11.53 -21.60
C LEU C 107 18.55 -12.74 -21.22
N LYS C 108 18.14 -13.40 -20.15
CA LYS C 108 18.74 -14.66 -19.70
C LYS C 108 18.18 -15.82 -20.49
N PRO C 109 18.92 -16.94 -20.58
CA PRO C 109 18.40 -18.10 -21.31
C PRO C 109 17.11 -18.66 -20.72
N GLU C 110 16.83 -18.38 -19.45
CA GLU C 110 15.57 -18.77 -18.83
C GLU C 110 14.37 -18.07 -19.45
N ASP C 111 14.58 -16.93 -20.11
CA ASP C 111 13.49 -16.10 -20.59
C ASP C 111 12.86 -16.60 -21.90
N THR C 112 13.39 -17.69 -22.47
CA THR C 112 12.80 -18.25 -23.68
C THR C 112 11.41 -18.80 -23.38
N ALA C 113 10.41 -18.33 -24.13
CA ALA C 113 9.01 -18.70 -23.88
C ALA C 113 8.15 -18.21 -25.02
N MET C 114 6.83 -18.34 -24.86
CA MET C 114 5.84 -17.71 -25.70
C MET C 114 5.31 -16.50 -24.94
N TYR C 115 4.99 -15.42 -25.63
CA TYR C 115 4.52 -14.21 -24.97
C TYR C 115 3.17 -13.78 -25.53
N TYR C 116 2.24 -13.49 -24.63
CA TYR C 116 0.88 -13.11 -24.98
C TYR C 116 0.57 -11.75 -24.39
N CYS C 117 -0.14 -10.92 -25.16
CA CYS C 117 -0.69 -9.69 -24.62
C CYS C 117 -2.18 -9.87 -24.34
N ALA C 118 -2.62 -9.43 -23.18
CA ALA C 118 -3.98 -9.68 -22.73
C ALA C 118 -4.63 -8.40 -22.21
N ALA C 119 -5.94 -8.31 -22.41
CA ALA C 119 -6.74 -7.19 -21.97
C ALA C 119 -7.87 -7.69 -21.07
N ALA C 120 -8.58 -6.75 -20.44
CA ALA C 120 -9.61 -7.10 -19.47
C ALA C 120 -10.60 -5.93 -19.36
N SER C 121 -11.41 -5.93 -18.31
CA SER C 121 -12.30 -4.83 -17.99
C SER C 121 -11.61 -3.83 -17.07
N LEU C 122 -12.30 -2.72 -16.81
CA LEU C 122 -11.68 -1.64 -16.04
C LEU C 122 -11.64 -1.97 -14.55
N SER C 123 -10.46 -1.79 -13.96
CA SER C 123 -10.31 -1.73 -12.51
C SER C 123 -8.94 -1.10 -12.26
N THR C 124 -8.92 0.11 -11.69
CA THR C 124 -7.66 0.83 -11.57
C THR C 124 -6.70 0.20 -10.59
N ARG C 125 -7.17 -0.78 -9.79
CA ARG C 125 -6.30 -1.49 -8.89
C ARG C 125 -5.14 -2.13 -9.65
N GLY C 126 -4.04 -2.37 -8.94
CA GLY C 126 -2.92 -3.08 -9.51
C GLY C 126 -3.40 -4.36 -10.17
N CYS C 127 -3.31 -4.41 -11.50
CA CYS C 127 -3.93 -5.48 -12.25
C CYS C 127 -3.38 -6.83 -11.81
N SER C 128 -4.29 -7.75 -11.47
CA SER C 128 -3.87 -9.07 -11.03
C SER C 128 -3.13 -9.80 -12.13
N ARG C 129 -2.12 -10.57 -11.75
CA ARG C 129 -1.33 -11.32 -12.71
C ARG C 129 -1.95 -12.67 -13.05
N ALA C 130 -3.11 -12.98 -12.49
CA ALA C 130 -3.77 -14.24 -12.79
C ALA C 130 -4.44 -14.20 -14.15
N GLU C 131 -4.16 -15.23 -14.96
CA GLU C 131 -4.61 -15.27 -16.34
C GLU C 131 -6.13 -15.31 -16.48
N TRP C 132 -6.86 -15.65 -15.41
CA TRP C 132 -8.32 -15.64 -15.48
C TRP C 132 -8.91 -14.25 -15.30
N GLU C 133 -8.09 -13.25 -14.97
CA GLU C 133 -8.59 -11.89 -14.87
C GLU C 133 -8.70 -11.21 -16.23
N TYR C 134 -8.18 -11.83 -17.29
CA TYR C 134 -8.12 -11.22 -18.61
C TYR C 134 -8.98 -12.00 -19.58
N ARG C 135 -9.80 -11.28 -20.35
CA ARG C 135 -10.76 -11.85 -21.27
C ARG C 135 -10.21 -12.02 -22.68
N TYR C 136 -9.54 -11.01 -23.21
CA TYR C 136 -9.06 -11.02 -24.58
C TYR C 136 -7.57 -11.33 -24.61
N TRP C 137 -7.19 -12.32 -25.41
CA TRP C 137 -5.82 -12.82 -25.48
C TRP C 137 -5.32 -12.76 -26.90
N GLY C 138 -4.02 -12.53 -27.05
CA GLY C 138 -3.40 -12.61 -28.36
C GLY C 138 -2.94 -14.02 -28.69
N GLN C 139 -2.37 -14.16 -29.90
CA GLN C 139 -1.91 -15.47 -30.34
C GLN C 139 -0.59 -15.85 -29.67
N GLY C 140 0.17 -14.86 -29.22
CA GLY C 140 1.49 -15.08 -28.68
C GLY C 140 2.57 -15.00 -29.74
N THR C 141 3.80 -14.77 -29.28
CA THR C 141 4.97 -14.67 -30.13
C THR C 141 6.16 -15.32 -29.42
N GLN C 142 7.00 -15.97 -30.21
CA GLN C 142 8.10 -16.79 -29.67
C GLN C 142 9.30 -15.91 -29.37
N VAL C 143 9.88 -16.08 -28.18
CA VAL C 143 11.14 -15.45 -27.81
C VAL C 143 12.09 -16.55 -27.38
N THR C 144 13.15 -16.75 -28.14
CA THR C 144 14.15 -17.77 -27.85
C THR C 144 15.45 -17.08 -27.49
N VAL C 145 15.95 -17.35 -26.29
CA VAL C 145 17.19 -16.76 -25.81
C VAL C 145 18.19 -17.89 -25.67
N SER C 146 19.02 -18.08 -26.70
CA SER C 146 20.04 -19.13 -26.69
C SER C 146 21.28 -18.63 -25.97
N SER C 147 21.70 -19.37 -24.94
CA SER C 147 22.87 -18.99 -24.17
C SER C 147 24.15 -19.27 -24.93
#